data_6VM8
#
_entry.id   6VM8
#
_cell.length_a   68.269
_cell.length_b   94.445
_cell.length_c   143.824
_cell.angle_alpha   90.000
_cell.angle_beta   90.000
_cell.angle_gamma   90.000
#
_symmetry.space_group_name_H-M   'P 21 21 21'
#
loop_
_entity.id
_entity.type
_entity.pdbx_description
1 polymer 'MHC class I antigen, A-2 alpha chain'
2 polymer 'SILv44 T cell receptor beta chain'
3 polymer 'SILv44 T cell receptor alpha chain'
4 polymer Beta-2-microglobulin
5 polymer 'Melanocyte protein PMEL'
6 non-polymer 'CITRATE ANION'
7 water water
#
loop_
_entity_poly.entity_id
_entity_poly.type
_entity_poly.pdbx_seq_one_letter_code
_entity_poly.pdbx_strand_id
1 'polypeptide(L)'
;GSHSMRYFFTSVSRPGRGEPRFIAVGYVDDTQFVRFDSDAASQRMEPRAPWIEQEGPEYWDGETRKVKAHSQTHRVDLGT
LRGYYNQSEAGSHTVQRMYGCDVGSDWRFLRGYHQYAYDGKDYIALKEDLRSWTAADMAAQTTKHKWEAAHVAEQLRAYL
EGTCVEWLRRYLENGKETLQRTDAPKTHMTHHAVSDHEATLRCWALSFYPAEITLTWQRDGEDQTQDTELVETRPAGDGT
FQKWAAVVVPSGQEQRYTCHVQHEGLPKPLTLRWE
;
A
2 'polypeptide(L)'
;MGITQSPKYLFRKEGQNVTLSCEQNLNHDAMYWYRQDPGQGLRLIYYSQIVNDFQKGDIAEGYSVSREKKESFPLTVTSA
QKNPTAFYLCASSITLSSYNEQFFGPGTRLTVLEDLKNVFPPEVAVFEPSEAEISHTQKATLVCLATGFYPDHVELSWWV
NGKEVHSGVCTDPQPLKEQPALNDSRYALSSRLRVSATFWQDPRNHFRCQVQFYGLSENDEWTQDRAKPVTQIVSAEAWG
RAD
;
E
3 'polypeptide(L)'
;MAQSVSQHNHHVILSEAASLELGCNYSYGGTVNLFWYVQYPGQHLQLLLKYFSGDPLVKGIKGFEAEFIKSKFSFNLRKP
SVQWSDTAEYFCAVNARRNTPLVFGKGTRLSVIANIQNPDPAVYQLRDSKSSDKSVCLFTDFDSQTNVSQSKDSDVYITD
KCVLDMRSMDFKSNSAVAWSNKSDFACANAFNNSIIPEDTFFPSPESS
;
D
4 'polypeptide(L)'
;MIQRTPKIQVYSRHPAENGKSNFLNCYVSGFHPSDIEVDLLKNGERIEKVEHSDLSFSKDWSFYLLYYTEFTPTEKDEYA
CRVNHVTLSQPKIVKWDRDM
;
B
5 'polypeptide(L)' IMDQVPFSV C
#
# COMPACT_ATOMS: atom_id res chain seq x y z
N GLY A 1 -9.42 15.70 17.75
CA GLY A 1 -9.75 15.37 16.37
C GLY A 1 -10.49 14.05 16.24
N SER A 2 -10.08 13.25 15.28
CA SER A 2 -10.71 11.95 15.05
C SER A 2 -10.21 10.92 16.07
N HIS A 3 -11.00 9.87 16.24
CA HIS A 3 -10.69 8.83 17.22
C HIS A 3 -11.07 7.47 16.65
N SER A 4 -10.65 6.42 17.34
CA SER A 4 -10.90 5.06 16.89
C SER A 4 -10.83 4.11 18.07
N MET A 5 -11.66 3.06 18.01
CA MET A 5 -11.56 1.92 18.90
C MET A 5 -11.30 0.68 18.04
N ARG A 6 -10.34 -0.14 18.46
CA ARG A 6 -9.94 -1.30 17.68
C ARG A 6 -9.70 -2.49 18.59
N TYR A 7 -10.00 -3.69 18.07
CA TYR A 7 -9.79 -4.94 18.78
C TYR A 7 -8.96 -5.87 17.92
N PHE A 8 -7.93 -6.48 18.51
CA PHE A 8 -7.01 -7.35 17.82
C PHE A 8 -7.06 -8.75 18.43
N PHE A 9 -7.10 -9.76 17.58
CA PHE A 9 -7.20 -11.15 18.00
C PHE A 9 -6.18 -11.99 17.24
N THR A 10 -5.43 -12.81 17.97
CA THR A 10 -4.42 -13.69 17.38
C THR A 10 -4.57 -15.09 17.96
N SER A 11 -4.62 -16.09 17.08
CA SER A 11 -4.69 -17.48 17.48
C SER A 11 -3.64 -18.26 16.71
N VAL A 12 -2.76 -18.96 17.42
CA VAL A 12 -1.68 -19.74 16.82
C VAL A 12 -1.89 -21.20 17.20
N SER A 13 -2.05 -22.05 16.20
CA SER A 13 -2.29 -23.46 16.46
C SER A 13 -1.02 -24.14 16.95
N ARG A 14 -1.17 -25.01 17.94
CA ARG A 14 -0.08 -25.81 18.50
C ARG A 14 -0.47 -27.29 18.38
N PRO A 15 -0.51 -27.82 17.15
CA PRO A 15 -1.09 -29.15 16.94
C PRO A 15 -0.34 -30.22 17.72
N GLY A 16 -1.11 -31.18 18.25
CA GLY A 16 -0.56 -32.25 19.04
C GLY A 16 -0.25 -31.90 20.48
N ARG A 17 -0.16 -30.60 20.81
CA ARG A 17 0.19 -30.19 22.16
C ARG A 17 -0.98 -29.60 22.94
N GLY A 18 -2.03 -29.18 22.28
CA GLY A 18 -3.20 -28.68 22.99
C GLY A 18 -3.95 -27.68 22.14
N GLU A 19 -4.65 -26.77 22.83
CA GLU A 19 -5.46 -25.75 22.19
C GLU A 19 -4.59 -24.60 21.69
N PRO A 20 -5.08 -23.83 20.72
CA PRO A 20 -4.28 -22.72 20.19
C PRO A 20 -4.03 -21.65 21.23
N ARG A 21 -2.84 -21.05 21.16
CA ARG A 21 -2.56 -19.86 21.95
C ARG A 21 -3.40 -18.70 21.44
N PHE A 22 -4.05 -18.00 22.36
CA PHE A 22 -5.02 -16.95 22.02
C PHE A 22 -4.71 -15.69 22.81
N ILE A 23 -4.50 -14.59 22.09
CA ILE A 23 -4.21 -13.29 22.70
C ILE A 23 -5.14 -12.25 22.06
N ALA A 24 -5.78 -11.45 22.90
CA ALA A 24 -6.69 -10.40 22.43
C ALA A 24 -6.40 -9.11 23.18
N VAL A 25 -6.39 -7.99 22.45
CA VAL A 25 -6.15 -6.68 23.03
C VAL A 25 -7.13 -5.68 22.42
N GLY A 26 -7.47 -4.67 23.21
CA GLY A 26 -8.35 -3.60 22.77
C GLY A 26 -7.67 -2.25 22.90
N TYR A 27 -7.86 -1.39 21.90
CA TYR A 27 -7.25 -0.08 21.86
C TYR A 27 -8.31 0.98 21.63
N VAL A 28 -8.20 2.09 22.36
CA VAL A 28 -8.84 3.35 22.01
C VAL A 28 -7.72 4.29 21.58
N ASP A 29 -7.73 4.68 20.30
CA ASP A 29 -6.63 5.40 19.69
C ASP A 29 -5.33 4.62 19.88
N ASP A 30 -4.33 5.22 20.52
CA ASP A 30 -3.04 4.58 20.73
C ASP A 30 -2.87 4.05 22.15
N THR A 31 -3.96 3.84 22.87
CA THR A 31 -3.91 3.38 24.25
C THR A 31 -4.60 2.04 24.37
N GLN A 32 -3.85 1.03 24.83
CA GLN A 32 -4.45 -0.26 25.16
C GLN A 32 -5.18 -0.16 26.48
N PHE A 33 -6.35 -0.78 26.56
CA PHE A 33 -7.15 -0.73 27.79
C PHE A 33 -7.65 -2.08 28.28
N VAL A 34 -7.70 -3.12 27.44
CA VAL A 34 -8.09 -4.47 27.88
C VAL A 34 -7.17 -5.49 27.21
N ARG A 35 -7.14 -6.69 27.78
CA ARG A 35 -6.31 -7.76 27.25
C ARG A 35 -6.85 -9.10 27.72
N PHE A 36 -6.54 -10.14 26.94
CA PHE A 36 -6.79 -11.52 27.32
C PHE A 36 -5.67 -12.39 26.76
N ASP A 37 -5.17 -13.31 27.58
CA ASP A 37 -4.13 -14.24 27.18
C ASP A 37 -4.53 -15.64 27.65
N SER A 38 -4.67 -16.57 26.70
CA SER A 38 -5.08 -17.92 27.04
C SER A 38 -4.07 -18.64 27.93
N ASP A 39 -2.80 -18.21 27.93
CA ASP A 39 -1.80 -18.80 28.80
C ASP A 39 -1.70 -18.13 30.16
N ALA A 40 -2.43 -17.04 30.39
CA ALA A 40 -2.47 -16.45 31.71
C ALA A 40 -3.30 -17.31 32.65
N ALA A 41 -3.06 -17.14 33.95
CA ALA A 41 -3.74 -17.95 34.95
C ALA A 41 -5.14 -17.45 35.28
N SER A 42 -5.44 -16.18 34.99
CA SER A 42 -6.74 -15.62 35.39
C SER A 42 -7.87 -16.17 34.53
N GLN A 43 -7.61 -16.40 33.24
CA GLN A 43 -8.64 -16.82 32.28
C GLN A 43 -9.77 -15.80 32.23
N ARG A 44 -9.41 -14.52 32.35
CA ARG A 44 -10.38 -13.43 32.39
C ARG A 44 -9.85 -12.26 31.56
N MET A 45 -10.77 -11.46 31.03
CA MET A 45 -10.38 -10.18 30.46
C MET A 45 -9.85 -9.29 31.58
N GLU A 46 -8.76 -8.57 31.27
CA GLU A 46 -8.09 -7.80 32.32
C GLU A 46 -7.93 -6.35 31.90
N PRO A 47 -8.03 -5.42 32.84
CA PRO A 47 -7.86 -4.00 32.50
C PRO A 47 -6.41 -3.66 32.23
N ARG A 48 -6.24 -2.62 31.39
CA ARG A 48 -4.90 -2.11 31.08
C ARG A 48 -4.83 -0.59 31.05
N ALA A 49 -5.93 0.11 31.30
CA ALA A 49 -5.96 1.56 31.39
C ALA A 49 -6.74 1.95 32.63
N PRO A 50 -6.43 3.10 33.25
CA PRO A 50 -7.11 3.46 34.50
C PRO A 50 -8.58 3.77 34.33
N TRP A 51 -8.99 4.32 33.18
CA TRP A 51 -10.38 4.73 33.02
C TRP A 51 -11.32 3.55 32.80
N ILE A 52 -10.81 2.38 32.40
CA ILE A 52 -11.66 1.20 32.28
C ILE A 52 -11.93 0.55 33.63
N GLU A 53 -11.21 0.96 34.68
CA GLU A 53 -11.46 0.43 36.02
C GLU A 53 -12.82 0.84 36.56
N GLN A 54 -13.48 1.82 35.94
CA GLN A 54 -14.79 2.29 36.37
C GLN A 54 -15.91 1.33 36.00
N GLU A 55 -15.62 0.29 35.24
CA GLU A 55 -16.65 -0.65 34.82
C GLU A 55 -16.93 -1.67 35.91
N GLY A 56 -18.21 -1.98 36.12
CA GLY A 56 -18.61 -2.93 37.11
C GLY A 56 -18.25 -4.36 36.76
N PRO A 57 -18.50 -5.29 37.68
CA PRO A 57 -18.13 -6.69 37.41
C PRO A 57 -18.89 -7.32 36.26
N GLU A 58 -20.11 -6.86 35.97
CA GLU A 58 -20.85 -7.42 34.85
C GLU A 58 -20.20 -7.09 33.51
N TYR A 59 -19.47 -5.98 33.45
CA TYR A 59 -18.70 -5.66 32.25
C TYR A 59 -17.65 -6.73 31.99
N TRP A 60 -16.90 -7.09 33.02
CA TRP A 60 -15.80 -8.03 32.84
C TRP A 60 -16.30 -9.46 32.65
N ASP A 61 -17.47 -9.80 33.21
CA ASP A 61 -18.07 -11.09 32.91
C ASP A 61 -18.50 -11.16 31.45
N GLY A 62 -19.09 -10.08 30.93
CA GLY A 62 -19.53 -10.08 29.54
C GLY A 62 -18.37 -10.14 28.57
N GLU A 63 -17.34 -9.33 28.81
CA GLU A 63 -16.20 -9.31 27.90
C GLU A 63 -15.41 -10.62 27.95
N THR A 64 -15.37 -11.28 29.11
CA THR A 64 -14.65 -12.55 29.21
C THR A 64 -15.36 -13.64 28.42
N ARG A 65 -16.69 -13.73 28.52
CA ARG A 65 -17.43 -14.73 27.77
C ARG A 65 -17.33 -14.48 26.27
N LYS A 66 -17.40 -13.21 25.85
CA LYS A 66 -17.35 -12.91 24.42
C LYS A 66 -15.96 -13.16 23.85
N VAL A 67 -14.91 -12.84 24.61
CA VAL A 67 -13.56 -13.01 24.08
C VAL A 67 -13.21 -14.49 23.98
N LYS A 68 -13.72 -15.32 24.89
CA LYS A 68 -13.51 -16.76 24.77
C LYS A 68 -14.26 -17.32 23.58
N ALA A 69 -15.45 -16.77 23.29
CA ALA A 69 -16.19 -17.20 22.11
C ALA A 69 -15.43 -16.89 20.82
N HIS A 70 -14.68 -15.78 20.81
CA HIS A 70 -13.82 -15.49 19.66
C HIS A 70 -12.78 -16.59 19.47
N SER A 71 -12.14 -17.02 20.57
CA SER A 71 -11.11 -18.04 20.47
C SER A 71 -11.69 -19.37 20.00
N GLN A 72 -12.93 -19.68 20.39
CA GLN A 72 -13.56 -20.91 19.93
C GLN A 72 -13.74 -20.90 18.42
N THR A 73 -14.16 -19.77 17.85
CA THR A 73 -14.34 -19.67 16.41
C THR A 73 -13.01 -19.82 15.68
N HIS A 74 -11.98 -19.12 16.16
CA HIS A 74 -10.66 -19.25 15.55
C HIS A 74 -10.13 -20.68 15.65
N ARG A 75 -10.46 -21.37 16.75
CA ARG A 75 -10.04 -22.75 16.90
C ARG A 75 -10.62 -23.61 15.77
N VAL A 76 -11.87 -23.38 15.41
CA VAL A 76 -12.49 -24.14 14.33
C VAL A 76 -11.96 -23.66 12.98
N ASP A 77 -11.73 -22.34 12.85
CA ASP A 77 -11.23 -21.80 11.59
C ASP A 77 -9.87 -22.37 11.24
N LEU A 78 -8.97 -22.50 12.23
CA LEU A 78 -7.67 -23.08 11.99
C LEU A 78 -7.80 -24.49 11.39
N GLY A 79 -8.77 -25.27 11.87
CA GLY A 79 -9.01 -26.57 11.27
C GLY A 79 -9.63 -26.46 9.88
N THR A 80 -10.59 -25.55 9.71
CA THR A 80 -11.23 -25.37 8.41
C THR A 80 -10.23 -24.88 7.37
N LEU A 81 -9.44 -23.86 7.72
CA LEU A 81 -8.47 -23.30 6.78
C LEU A 81 -7.38 -24.30 6.45
N ARG A 82 -7.00 -25.14 7.42
CA ARG A 82 -6.03 -26.20 7.17
C ARG A 82 -6.51 -27.12 6.06
N GLY A 83 -7.82 -27.37 6.00
CA GLY A 83 -8.38 -28.20 4.94
C GLY A 83 -8.59 -27.46 3.64
N TYR A 84 -8.84 -26.15 3.71
CA TYR A 84 -9.02 -25.38 2.48
C TYR A 84 -7.73 -25.33 1.66
N TYR A 85 -6.59 -25.24 2.33
CA TYR A 85 -5.30 -25.13 1.66
C TYR A 85 -4.56 -26.45 1.57
N ASN A 86 -5.23 -27.56 1.88
CA ASN A 86 -4.64 -28.90 1.77
C ASN A 86 -3.31 -28.99 2.53
N GLN A 87 -3.29 -28.42 3.72
CA GLN A 87 -2.08 -28.43 4.54
C GLN A 87 -2.08 -29.65 5.47
N SER A 88 -0.93 -29.90 6.08
CA SER A 88 -0.78 -31.04 6.97
C SER A 88 -1.24 -30.68 8.38
N GLU A 89 -1.58 -31.72 9.15
CA GLU A 89 -2.05 -31.53 10.51
C GLU A 89 -0.94 -31.20 11.50
N ALA A 90 0.32 -31.37 11.11
CA ALA A 90 1.43 -31.23 12.04
C ALA A 90 2.04 -29.82 12.04
N GLY A 91 1.62 -28.94 11.14
CA GLY A 91 2.20 -27.62 11.07
C GLY A 91 1.44 -26.59 11.89
N SER A 92 2.16 -25.58 12.36
CA SER A 92 1.57 -24.48 13.10
C SER A 92 1.13 -23.37 12.15
N HIS A 93 -0.04 -22.79 12.42
CA HIS A 93 -0.59 -21.74 11.58
C HIS A 93 -1.22 -20.67 12.47
N THR A 94 -1.49 -19.51 11.86
CA THR A 94 -1.92 -18.33 12.58
C THR A 94 -3.17 -17.74 11.96
N VAL A 95 -4.14 -17.43 12.81
CA VAL A 95 -5.33 -16.66 12.43
C VAL A 95 -5.25 -15.31 13.12
N GLN A 96 -5.53 -14.24 12.37
CA GLN A 96 -5.56 -12.89 12.91
C GLN A 96 -6.85 -12.20 12.49
N ARG A 97 -7.44 -11.46 13.43
CA ARG A 97 -8.67 -10.72 13.19
C ARG A 97 -8.57 -9.35 13.83
N MET A 98 -9.02 -8.33 13.10
CA MET A 98 -9.03 -6.96 13.61
C MET A 98 -10.32 -6.29 13.16
N TYR A 99 -10.99 -5.59 14.07
CA TYR A 99 -12.14 -4.78 13.69
C TYR A 99 -12.24 -3.59 14.63
N GLY A 100 -13.06 -2.63 14.23
CA GLY A 100 -13.26 -1.44 15.02
C GLY A 100 -13.96 -0.36 14.20
N CYS A 101 -13.98 0.83 14.77
CA CYS A 101 -14.71 1.95 14.18
C CYS A 101 -13.94 3.25 14.41
N ASP A 102 -14.06 4.17 13.46
CA ASP A 102 -13.48 5.50 13.56
C ASP A 102 -14.60 6.54 13.65
N VAL A 103 -14.32 7.62 14.39
CA VAL A 103 -15.23 8.76 14.47
C VAL A 103 -14.45 10.02 14.14
N GLY A 104 -15.16 11.04 13.69
CA GLY A 104 -14.56 12.32 13.37
C GLY A 104 -14.39 13.18 14.60
N SER A 105 -14.04 14.45 14.35
CA SER A 105 -13.87 15.41 15.43
C SER A 105 -15.18 15.69 16.16
N ASP A 106 -16.31 15.47 15.51
CA ASP A 106 -17.62 15.60 16.14
C ASP A 106 -18.08 14.31 16.81
N TRP A 107 -17.21 13.31 16.90
CA TRP A 107 -17.49 12.02 17.52
C TRP A 107 -18.64 11.27 16.83
N ARG A 108 -18.94 11.61 15.58
CA ARG A 108 -19.93 10.87 14.81
C ARG A 108 -19.24 9.84 13.93
N PHE A 109 -20.00 8.80 13.59
CA PHE A 109 -19.46 7.67 12.84
C PHE A 109 -18.76 8.12 11.57
N LEU A 110 -17.56 7.60 11.34
CA LEU A 110 -16.76 7.90 10.17
C LEU A 110 -16.55 6.70 9.27
N ARG A 111 -16.15 5.56 9.84
CA ARG A 111 -15.95 4.34 9.07
C ARG A 111 -15.85 3.17 10.03
N GLY A 112 -16.16 1.97 9.50
CA GLY A 112 -15.96 0.74 10.22
C GLY A 112 -15.15 -0.23 9.37
N TYR A 113 -14.66 -1.27 10.02
CA TYR A 113 -13.83 -2.26 9.34
C TYR A 113 -13.82 -3.56 10.11
N HIS A 114 -13.61 -4.65 9.38
CA HIS A 114 -13.53 -5.99 9.97
C HIS A 114 -12.71 -6.83 9.03
N GLN A 115 -11.49 -7.19 9.45
CA GLN A 115 -10.51 -7.83 8.58
C GLN A 115 -10.03 -9.14 9.19
N TYR A 116 -9.61 -10.06 8.33
CA TYR A 116 -9.26 -11.41 8.72
C TYR A 116 -8.04 -11.85 7.92
N ALA A 117 -7.06 -12.47 8.60
CA ALA A 117 -5.84 -12.91 7.96
C ALA A 117 -5.51 -14.34 8.37
N TYR A 118 -4.95 -15.10 7.43
CA TYR A 118 -4.48 -16.45 7.68
C TYR A 118 -2.99 -16.50 7.35
N ASP A 119 -2.18 -16.90 8.32
CA ASP A 119 -0.73 -16.99 8.17
C ASP A 119 -0.14 -15.66 7.71
N GLY A 120 -0.67 -14.56 8.24
CA GLY A 120 -0.10 -13.26 7.97
C GLY A 120 -0.41 -12.65 6.62
N LYS A 121 -1.35 -13.22 5.87
CA LYS A 121 -1.78 -12.65 4.61
C LYS A 121 -3.27 -12.39 4.65
N ASP A 122 -3.71 -11.40 3.86
CA ASP A 122 -5.12 -11.09 3.75
C ASP A 122 -5.91 -12.33 3.38
N TYR A 123 -7.02 -12.55 4.07
CA TYR A 123 -7.95 -13.63 3.75
C TYR A 123 -9.28 -13.06 3.29
N ILE A 124 -10.03 -12.44 4.20
CA ILE A 124 -11.29 -11.81 3.82
C ILE A 124 -11.45 -10.54 4.67
N ALA A 125 -12.08 -9.52 4.08
CA ALA A 125 -12.27 -8.24 4.75
C ALA A 125 -13.61 -7.65 4.34
N LEU A 126 -14.24 -6.98 5.30
CA LEU A 126 -15.46 -6.24 5.03
C LEU A 126 -15.14 -4.97 4.24
N LYS A 127 -15.99 -4.65 3.27
CA LYS A 127 -15.79 -3.48 2.44
C LYS A 127 -16.26 -2.21 3.17
N GLU A 128 -16.01 -1.07 2.54
CA GLU A 128 -16.31 0.22 3.15
C GLU A 128 -17.80 0.37 3.41
N ASP A 129 -18.65 -0.16 2.53
CA ASP A 129 -20.09 -0.02 2.71
C ASP A 129 -20.64 -0.90 3.82
N LEU A 130 -19.82 -1.75 4.42
CA LEU A 130 -20.24 -2.64 5.52
C LEU A 130 -21.36 -3.56 5.10
N ARG A 131 -21.40 -3.91 3.81
CA ARG A 131 -22.45 -4.79 3.28
C ARG A 131 -21.92 -5.87 2.35
N SER A 132 -20.65 -5.82 1.94
CA SER A 132 -20.08 -6.81 1.05
C SER A 132 -18.66 -7.13 1.50
N TRP A 133 -18.09 -8.19 0.92
CA TRP A 133 -16.81 -8.72 1.36
C TRP A 133 -15.80 -8.71 0.21
N THR A 134 -14.53 -8.69 0.59
CA THR A 134 -13.41 -8.81 -0.34
C THR A 134 -12.64 -10.08 -0.02
N ALA A 135 -12.71 -11.06 -0.92
CA ALA A 135 -11.99 -12.32 -0.77
C ALA A 135 -10.65 -12.23 -1.48
N ALA A 136 -9.58 -12.63 -0.78
CA ALA A 136 -8.23 -12.49 -1.29
C ALA A 136 -7.79 -13.63 -2.20
N ASP A 137 -8.41 -14.80 -2.10
CA ASP A 137 -8.04 -15.91 -2.97
C ASP A 137 -9.24 -16.86 -3.08
N MET A 138 -9.02 -18.00 -3.75
CA MET A 138 -10.10 -18.95 -3.99
C MET A 138 -10.64 -19.53 -2.68
N ALA A 139 -9.75 -19.87 -1.75
CA ALA A 139 -10.19 -20.42 -0.48
C ALA A 139 -11.09 -19.45 0.27
N ALA A 140 -10.78 -18.15 0.19
CA ALA A 140 -11.61 -17.15 0.84
C ALA A 140 -12.93 -16.93 0.13
N GLN A 141 -13.01 -17.24 -1.16
CA GLN A 141 -14.29 -17.11 -1.87
C GLN A 141 -15.35 -18.01 -1.27
N THR A 142 -14.95 -19.19 -0.81
CA THR A 142 -15.89 -20.08 -0.13
C THR A 142 -16.43 -19.44 1.14
N THR A 143 -15.56 -18.78 1.91
CA THR A 143 -16.01 -18.05 3.08
C THR A 143 -16.92 -16.89 2.70
N LYS A 144 -16.52 -16.12 1.67
CA LYS A 144 -17.33 -15.01 1.20
C LYS A 144 -18.74 -15.46 0.83
N HIS A 145 -18.85 -16.55 0.08
CA HIS A 145 -20.17 -17.05 -0.30
C HIS A 145 -20.97 -17.50 0.91
N LYS A 146 -20.28 -18.09 1.90
CA LYS A 146 -20.96 -18.52 3.12
C LYS A 146 -21.42 -17.33 3.95
N TRP A 147 -20.56 -16.32 4.10
CA TRP A 147 -20.91 -15.17 4.92
C TRP A 147 -21.93 -14.27 4.23
N GLU A 148 -21.97 -14.29 2.90
CA GLU A 148 -22.99 -13.51 2.18
C GLU A 148 -24.37 -14.15 2.31
N ALA A 149 -24.44 -15.49 2.21
CA ALA A 149 -25.73 -16.16 2.33
C ALA A 149 -26.31 -16.01 3.73
N ALA A 150 -25.45 -15.99 4.75
CA ALA A 150 -25.90 -15.83 6.12
C ALA A 150 -26.15 -14.37 6.51
N HIS A 151 -25.81 -13.42 5.64
CA HIS A 151 -26.06 -12.00 5.88
C HIS A 151 -25.39 -11.52 7.17
N VAL A 152 -24.19 -12.05 7.46
CA VAL A 152 -23.52 -11.67 8.70
C VAL A 152 -23.06 -10.22 8.66
N ALA A 153 -23.01 -9.60 7.48
CA ALA A 153 -22.60 -8.20 7.40
C ALA A 153 -23.61 -7.29 8.08
N GLU A 154 -24.90 -7.66 8.08
CA GLU A 154 -25.90 -6.90 8.81
C GLU A 154 -25.55 -6.80 10.29
N GLN A 155 -25.18 -7.93 10.90
CA GLN A 155 -24.88 -7.93 12.33
C GLN A 155 -23.65 -7.08 12.62
N LEU A 156 -22.60 -7.24 11.82
CA LEU A 156 -21.38 -6.46 12.02
C LEU A 156 -21.63 -4.98 11.82
N ARG A 157 -22.44 -4.62 10.82
CA ARG A 157 -22.72 -3.21 10.57
C ARG A 157 -23.49 -2.59 11.74
N ALA A 158 -24.38 -3.36 12.35
CA ALA A 158 -25.10 -2.84 13.52
C ALA A 158 -24.15 -2.62 14.69
N TYR A 159 -23.14 -3.47 14.84
CA TYR A 159 -22.14 -3.25 15.89
C TYR A 159 -21.23 -2.08 15.54
N LEU A 160 -20.68 -2.07 14.32
CA LEU A 160 -19.69 -1.07 13.94
C LEU A 160 -20.30 0.33 13.92
N GLU A 161 -21.53 0.46 13.45
CA GLU A 161 -22.18 1.77 13.37
C GLU A 161 -22.93 2.14 14.64
N GLY A 162 -23.19 1.19 15.52
CA GLY A 162 -23.94 1.48 16.73
C GLY A 162 -23.14 1.25 17.99
N THR A 163 -23.03 -0.02 18.41
CA THR A 163 -22.38 -0.35 19.67
C THR A 163 -20.94 0.17 19.71
N CYS A 164 -20.21 0.02 18.61
CA CYS A 164 -18.80 0.42 18.60
C CYS A 164 -18.66 1.92 18.81
N VAL A 165 -19.45 2.73 18.11
CA VAL A 165 -19.35 4.17 18.25
C VAL A 165 -19.83 4.63 19.62
N GLU A 166 -20.88 3.98 20.15
CA GLU A 166 -21.43 4.38 21.44
C GLU A 166 -20.43 4.19 22.57
N TRP A 167 -19.71 3.06 22.57
CA TRP A 167 -18.75 2.81 23.64
C TRP A 167 -17.47 3.58 23.45
N LEU A 168 -17.08 3.85 22.20
CA LEU A 168 -15.94 4.74 21.96
C LEU A 168 -16.19 6.12 22.55
N ARG A 169 -17.40 6.65 22.38
CA ARG A 169 -17.74 7.93 23.00
C ARG A 169 -17.70 7.82 24.52
N ARG A 170 -18.20 6.72 25.08
CA ARG A 170 -18.19 6.54 26.52
C ARG A 170 -16.75 6.47 27.07
N TYR A 171 -15.88 5.71 26.39
CA TYR A 171 -14.49 5.62 26.82
C TYR A 171 -13.80 6.97 26.75
N LEU A 172 -13.99 7.70 25.65
CA LEU A 172 -13.38 9.02 25.51
C LEU A 172 -13.83 9.98 26.61
N GLU A 173 -15.08 9.83 27.08
CA GLU A 173 -15.57 10.67 28.16
C GLU A 173 -15.01 10.23 29.51
N ASN A 174 -15.01 8.92 29.78
CA ASN A 174 -14.50 8.42 31.05
C ASN A 174 -12.99 8.57 31.15
N GLY A 175 -12.30 8.62 30.01
CA GLY A 175 -10.87 8.82 30.02
C GLY A 175 -10.45 10.11 29.34
N LYS A 176 -11.23 11.18 29.55
CA LYS A 176 -10.92 12.45 28.90
C LYS A 176 -9.58 13.01 29.35
N GLU A 177 -9.20 12.77 30.61
CA GLU A 177 -7.93 13.27 31.12
C GLU A 177 -6.74 12.61 30.44
N THR A 178 -6.93 11.44 29.82
CA THR A 178 -5.86 10.70 29.16
C THR A 178 -6.06 10.59 27.66
N LEU A 179 -7.25 10.16 27.21
CA LEU A 179 -7.48 9.94 25.80
C LEU A 179 -7.59 11.24 25.02
N GLN A 180 -8.12 12.29 25.65
CA GLN A 180 -8.29 13.58 24.97
C GLN A 180 -7.14 14.54 25.24
N ARG A 181 -6.29 14.27 26.22
CA ARG A 181 -5.15 15.13 26.50
C ARG A 181 -4.02 14.83 25.51
N THR A 182 -3.53 15.87 24.85
CA THR A 182 -2.44 15.74 23.89
C THR A 182 -1.12 16.07 24.57
N ASP A 183 -0.06 15.38 24.14
CA ASP A 183 1.28 15.54 24.69
C ASP A 183 2.21 15.97 23.55
N ALA A 184 2.60 17.23 23.56
CA ALA A 184 3.52 17.72 22.54
C ALA A 184 4.88 17.04 22.71
N PRO A 185 5.57 16.77 21.60
CA PRO A 185 6.89 16.14 21.71
C PRO A 185 7.92 17.10 22.28
N LYS A 186 8.83 16.57 23.09
CA LYS A 186 9.98 17.30 23.59
C LYS A 186 11.17 16.94 22.71
N THR A 187 11.65 17.92 21.94
CA THR A 187 12.62 17.68 20.89
C THR A 187 14.01 18.17 21.31
N HIS A 188 15.03 17.52 20.73
CA HIS A 188 16.40 17.94 20.89
C HIS A 188 17.23 17.28 19.79
N MET A 189 18.41 17.83 19.55
CA MET A 189 19.28 17.35 18.49
C MET A 189 20.64 16.98 19.06
N THR A 190 21.26 15.96 18.46
CA THR A 190 22.60 15.54 18.83
C THR A 190 23.52 15.64 17.62
N HIS A 191 24.83 15.65 17.90
CA HIS A 191 25.85 15.85 16.88
C HIS A 191 27.00 14.89 17.14
N HIS A 192 27.39 14.14 16.12
CA HIS A 192 28.49 13.19 16.22
C HIS A 192 29.27 13.22 14.91
N ALA A 193 30.57 13.47 14.99
CA ALA A 193 31.42 13.53 13.81
C ALA A 193 31.88 12.13 13.44
N VAL A 194 31.51 11.68 12.24
CA VAL A 194 31.95 10.37 11.75
C VAL A 194 33.32 10.44 11.12
N SER A 195 33.84 11.63 10.84
CA SER A 195 35.17 11.85 10.29
C SER A 195 35.49 13.33 10.44
N ASP A 196 36.61 13.75 9.86
CA ASP A 196 37.00 15.16 9.89
C ASP A 196 36.30 15.99 8.82
N HIS A 197 35.33 15.40 8.11
CA HIS A 197 34.60 16.12 7.06
C HIS A 197 33.10 15.87 7.07
N GLU A 198 32.60 14.83 7.74
CA GLU A 198 31.17 14.57 7.82
C GLU A 198 30.75 14.44 9.27
N ALA A 199 29.49 14.78 9.54
CA ALA A 199 28.93 14.70 10.88
C ALA A 199 27.51 14.20 10.82
N THR A 200 27.09 13.50 11.87
CA THR A 200 25.75 12.95 11.97
C THR A 200 24.90 13.85 12.87
N LEU A 201 23.79 14.34 12.33
CA LEU A 201 22.83 15.14 13.08
C LEU A 201 21.58 14.29 13.29
N ARG A 202 21.21 14.07 14.55
CA ARG A 202 20.04 13.26 14.89
C ARG A 202 19.00 14.14 15.55
N CYS A 203 17.81 14.19 14.96
CA CYS A 203 16.71 15.00 15.45
C CYS A 203 15.75 14.11 16.23
N TRP A 204 15.57 14.42 17.52
CA TRP A 204 14.83 13.56 18.43
C TRP A 204 13.44 14.12 18.71
N ALA A 205 12.50 13.20 18.93
CA ALA A 205 11.15 13.54 19.39
C ALA A 205 10.77 12.54 20.47
N LEU A 206 10.59 13.02 21.70
CA LEU A 206 10.37 12.16 22.85
C LEU A 206 9.08 12.53 23.57
N SER A 207 8.42 11.50 24.12
CA SER A 207 7.36 11.67 25.11
C SER A 207 6.16 12.43 24.53
N PHE A 208 5.67 11.96 23.40
CA PHE A 208 4.51 12.57 22.75
C PHE A 208 3.38 11.56 22.60
N TYR A 209 2.15 12.09 22.55
CA TYR A 209 0.94 11.32 22.37
C TYR A 209 -0.04 12.22 21.63
N PRO A 210 -0.74 11.70 20.60
CA PRO A 210 -0.68 10.33 20.09
C PRO A 210 0.58 10.03 19.28
N ALA A 211 0.65 8.82 18.70
CA ALA A 211 1.87 8.36 18.04
C ALA A 211 2.10 9.01 16.69
N GLU A 212 1.07 9.57 16.07
CA GLU A 212 1.24 10.19 14.76
C GLU A 212 2.16 11.40 14.86
N ILE A 213 3.15 11.46 13.97
CA ILE A 213 4.14 12.53 13.96
C ILE A 213 4.89 12.45 12.65
N THR A 214 5.46 13.58 12.22
CA THR A 214 6.23 13.64 11.00
C THR A 214 7.53 14.41 11.26
N LEU A 215 8.66 13.79 10.95
CA LEU A 215 9.97 14.42 11.06
C LEU A 215 10.57 14.51 9.67
N THR A 216 10.89 15.72 9.23
CA THR A 216 11.44 15.95 7.91
C THR A 216 12.71 16.79 8.00
N TRP A 217 13.71 16.44 7.20
CA TRP A 217 14.95 17.19 7.12
C TRP A 217 14.93 18.09 5.89
N GLN A 218 15.43 19.31 6.04
CA GLN A 218 15.52 20.27 4.95
C GLN A 218 16.91 20.88 4.91
N ARG A 219 17.41 21.08 3.70
CA ARG A 219 18.67 21.77 3.46
C ARG A 219 18.39 23.02 2.64
N ASP A 220 18.67 24.19 3.21
CA ASP A 220 18.38 25.48 2.58
C ASP A 220 16.91 25.66 2.25
N GLY A 221 16.03 24.95 2.96
CA GLY A 221 14.60 25.05 2.76
C GLY A 221 13.97 23.93 1.97
N GLU A 222 14.75 23.22 1.15
CA GLU A 222 14.22 22.14 0.33
C GLU A 222 14.36 20.81 1.07
N ASP A 223 13.44 19.90 0.79
CA ASP A 223 13.40 18.62 1.48
C ASP A 223 14.66 17.81 1.18
N GLN A 224 15.00 16.91 2.11
CA GLN A 224 16.18 16.06 2.02
C GLN A 224 15.77 14.61 2.27
N THR A 225 16.35 13.69 1.50
CA THR A 225 16.06 12.27 1.66
C THR A 225 17.32 11.43 1.64
N GLN A 226 18.28 11.78 0.78
CA GLN A 226 19.53 11.05 0.74
C GLN A 226 20.33 11.31 2.01
N ASP A 227 20.98 10.26 2.52
CA ASP A 227 21.73 10.31 3.78
C ASP A 227 20.83 10.64 4.96
N THR A 228 19.55 10.32 4.86
CA THR A 228 18.60 10.52 5.95
C THR A 228 18.09 9.17 6.44
N GLU A 229 18.20 8.93 7.74
CA GLU A 229 17.74 7.69 8.35
C GLU A 229 16.58 8.01 9.29
N LEU A 230 15.48 7.27 9.14
CA LEU A 230 14.27 7.48 9.93
C LEU A 230 13.86 6.15 10.54
N VAL A 231 13.66 6.13 11.85
CA VAL A 231 13.30 4.91 12.55
C VAL A 231 11.80 4.91 12.83
N GLU A 232 11.26 3.70 12.99
CA GLU A 232 9.85 3.53 13.28
C GLU A 232 9.49 4.13 14.64
N THR A 233 8.31 4.73 14.72
CA THR A 233 7.81 5.23 15.99
C THR A 233 7.71 4.09 16.99
N ARG A 234 8.26 4.30 18.19
CA ARG A 234 8.40 3.25 19.19
C ARG A 234 7.76 3.67 20.50
N PRO A 235 7.23 2.71 21.27
CA PRO A 235 6.63 3.05 22.56
C PRO A 235 7.70 3.29 23.62
N ALA A 236 7.53 4.38 24.39
CA ALA A 236 8.44 4.64 25.49
C ALA A 236 8.18 3.71 26.67
N GLY A 237 6.96 3.18 26.80
CA GLY A 237 6.59 2.33 27.90
C GLY A 237 5.68 2.98 28.92
N ASP A 238 5.40 4.28 28.79
CA ASP A 238 4.58 5.00 29.75
C ASP A 238 3.35 5.62 29.09
N GLY A 239 2.98 5.16 27.90
CA GLY A 239 1.88 5.74 27.16
C GLY A 239 2.28 6.72 26.08
N THR A 240 3.53 7.19 26.10
CA THR A 240 4.03 8.11 25.08
C THR A 240 4.94 7.36 24.11
N PHE A 241 5.35 8.08 23.06
CA PHE A 241 6.09 7.47 21.97
C PHE A 241 7.35 8.28 21.68
N GLN A 242 8.26 7.67 20.93
CA GLN A 242 9.53 8.26 20.56
C GLN A 242 9.79 8.05 19.07
N LYS A 243 10.61 8.93 18.50
CA LYS A 243 11.00 8.82 17.11
C LYS A 243 12.16 9.78 16.87
N TRP A 244 13.11 9.37 16.03
CA TRP A 244 14.19 10.26 15.64
C TRP A 244 14.50 10.09 14.16
N ALA A 245 15.04 11.17 13.57
CA ALA A 245 15.49 11.18 12.18
C ALA A 245 16.91 11.74 12.14
N ALA A 246 17.81 11.03 11.47
CA ALA A 246 19.21 11.41 11.41
C ALA A 246 19.61 11.76 9.99
N VAL A 247 20.72 12.48 9.87
CA VAL A 247 21.26 12.87 8.57
C VAL A 247 22.78 13.02 8.71
N VAL A 248 23.49 12.65 7.65
CA VAL A 248 24.94 12.84 7.57
C VAL A 248 25.22 14.06 6.72
N VAL A 249 25.82 15.08 7.32
CA VAL A 249 26.05 16.35 6.65
C VAL A 249 27.54 16.62 6.65
N PRO A 250 28.02 17.42 5.70
CA PRO A 250 29.44 17.81 5.71
C PRO A 250 29.75 18.73 6.89
N SER A 251 30.97 18.59 7.41
CA SER A 251 31.40 19.43 8.51
C SER A 251 31.49 20.89 8.09
N GLY A 252 30.98 21.78 8.95
CA GLY A 252 30.95 23.19 8.64
C GLY A 252 29.71 23.66 7.91
N GLN A 253 28.83 22.73 7.49
CA GLN A 253 27.59 23.08 6.81
C GLN A 253 26.36 22.67 7.62
N GLU A 254 26.53 22.43 8.92
CA GLU A 254 25.41 22.00 9.75
C GLU A 254 24.31 23.05 9.80
N GLN A 255 24.68 24.34 9.75
CA GLN A 255 23.69 25.40 9.86
C GLN A 255 22.75 25.46 8.66
N ARG A 256 23.02 24.70 7.60
CA ARG A 256 22.16 24.66 6.42
C ARG A 256 21.01 23.67 6.56
N TYR A 257 20.99 22.87 7.62
CA TYR A 257 20.01 21.79 7.76
C TYR A 257 19.04 22.13 8.90
N THR A 258 17.76 21.88 8.64
CA THR A 258 16.70 22.15 9.61
C THR A 258 15.79 20.93 9.74
N CYS A 259 15.42 20.63 10.98
CA CYS A 259 14.50 19.55 11.27
C CYS A 259 13.13 20.12 11.61
N HIS A 260 12.09 19.58 10.96
CA HIS A 260 10.73 20.09 11.11
C HIS A 260 9.86 19.01 11.75
N VAL A 261 9.26 19.33 12.89
CA VAL A 261 8.44 18.42 13.66
C VAL A 261 7.00 18.90 13.63
N GLN A 262 6.08 18.00 13.25
CA GLN A 262 4.66 18.30 13.21
C GLN A 262 3.92 17.29 14.09
N HIS A 263 3.08 17.80 14.99
CA HIS A 263 2.33 16.95 15.90
C HIS A 263 1.08 17.70 16.35
N GLU A 264 0.04 16.94 16.70
CA GLU A 264 -1.22 17.56 17.11
C GLU A 264 -1.04 18.45 18.32
N GLY A 265 -0.16 18.07 19.25
CA GLY A 265 0.06 18.84 20.45
C GLY A 265 0.89 20.09 20.26
N LEU A 266 1.37 20.36 19.05
CA LEU A 266 2.16 21.56 18.78
C LEU A 266 1.27 22.63 18.19
N PRO A 267 1.20 23.82 18.80
CA PRO A 267 0.42 24.91 18.15
C PRO A 267 0.97 25.27 16.79
N LYS A 268 2.28 25.42 16.67
CA LYS A 268 2.98 25.66 15.42
C LYS A 268 4.07 24.60 15.24
N PRO A 269 4.43 24.28 14.00
CA PRO A 269 5.48 23.27 13.78
C PRO A 269 6.81 23.74 14.33
N LEU A 270 7.56 22.80 14.89
CA LEU A 270 8.88 23.10 15.45
C LEU A 270 9.95 23.05 14.36
N THR A 271 10.94 23.92 14.50
CA THR A 271 12.09 23.96 13.60
C THR A 271 13.35 23.84 14.43
N LEU A 272 14.15 22.81 14.16
CA LEU A 272 15.38 22.55 14.90
C LEU A 272 16.58 22.68 13.96
N ARG A 273 17.63 23.32 14.45
CA ARG A 273 18.86 23.54 13.70
C ARG A 273 20.04 23.41 14.64
N TRP A 274 21.11 22.78 14.17
CA TRP A 274 22.35 22.67 14.93
C TRP A 274 23.19 23.91 14.64
N GLU A 275 23.10 24.91 15.52
CA GLU A 275 23.84 26.17 15.42
C GLU A 275 23.47 26.98 14.18
N GLY B 2 8.55 -8.46 0.10
CA GLY B 2 8.44 -8.88 -1.29
C GLY B 2 9.57 -8.39 -2.17
N ILE B 3 9.25 -8.08 -3.42
CA ILE B 3 10.23 -7.60 -4.39
C ILE B 3 10.08 -6.10 -4.54
N THR B 4 11.21 -5.40 -4.54
CA THR B 4 11.26 -3.97 -4.81
C THR B 4 12.33 -3.72 -5.85
N GLN B 5 12.12 -2.67 -6.66
CA GLN B 5 13.10 -2.27 -7.65
C GLN B 5 13.15 -0.75 -7.72
N SER B 6 13.92 -0.24 -8.67
CA SER B 6 14.12 1.19 -8.89
C SER B 6 12.78 1.90 -9.06
N PRO B 7 12.72 3.23 -8.83
CA PRO B 7 11.42 3.93 -8.89
C PRO B 7 10.68 3.70 -10.19
N LYS B 8 9.34 3.86 -10.15
CA LYS B 8 8.51 3.58 -11.32
C LYS B 8 8.92 4.37 -12.54
N TYR B 9 9.62 5.49 -12.36
CA TYR B 9 10.11 6.29 -13.47
C TYR B 9 11.55 6.72 -13.21
N LEU B 10 12.28 6.93 -14.29
CA LEU B 10 13.69 7.28 -14.25
C LEU B 10 14.13 7.63 -15.67
N PHE B 11 15.10 8.54 -15.77
CA PHE B 11 15.60 8.95 -17.07
C PHE B 11 17.13 8.94 -17.08
N ARG B 12 17.68 8.95 -18.30
CA ARG B 12 19.12 8.91 -18.51
C ARG B 12 19.49 9.87 -19.63
N LYS B 13 20.77 10.21 -19.69
CA LYS B 13 21.34 11.04 -20.74
C LYS B 13 22.17 10.19 -21.69
N GLU B 14 22.48 10.76 -22.85
CA GLU B 14 23.30 10.05 -23.83
C GLU B 14 24.71 9.83 -23.28
N GLY B 15 25.28 8.67 -23.61
CA GLY B 15 26.61 8.33 -23.15
C GLY B 15 26.73 8.00 -21.68
N GLN B 16 25.62 7.89 -20.97
CA GLN B 16 25.61 7.58 -19.54
C GLN B 16 25.04 6.19 -19.31
N ASN B 17 25.59 5.49 -18.33
CA ASN B 17 25.09 4.19 -17.92
C ASN B 17 24.23 4.35 -16.67
N VAL B 18 23.18 3.54 -16.59
CA VAL B 18 22.26 3.55 -15.45
C VAL B 18 22.12 2.12 -14.94
N THR B 19 22.12 1.97 -13.62
CA THR B 19 21.95 0.67 -12.97
C THR B 19 20.61 0.63 -12.27
N LEU B 20 19.76 -0.31 -12.67
CA LEU B 20 18.46 -0.51 -12.03
C LEU B 20 18.59 -1.56 -10.95
N SER B 21 18.20 -1.21 -9.73
CA SER B 21 18.29 -2.13 -8.60
C SER B 21 17.04 -3.01 -8.54
N CYS B 22 17.22 -4.20 -7.99
CA CYS B 22 16.11 -5.11 -7.74
C CYS B 22 16.45 -5.98 -6.55
N GLU B 23 15.60 -5.98 -5.53
CA GLU B 23 15.87 -6.68 -4.29
C GLU B 23 14.63 -7.45 -3.85
N GLN B 24 14.87 -8.54 -3.11
CA GLN B 24 13.79 -9.35 -2.57
C GLN B 24 14.28 -10.01 -1.29
N ASN B 25 13.43 -9.96 -0.25
CA ASN B 25 13.69 -10.66 1.00
C ASN B 25 12.87 -11.95 1.11
N LEU B 26 12.47 -12.52 -0.03
CA LEU B 26 11.66 -13.72 -0.04
C LEU B 26 12.48 -15.00 0.04
N ASN B 27 13.80 -14.88 0.20
CA ASN B 27 14.70 -16.04 0.26
C ASN B 27 14.69 -16.83 -1.04
N HIS B 28 14.37 -16.17 -2.16
CA HIS B 28 14.29 -16.83 -3.45
C HIS B 28 15.67 -17.01 -4.06
N ASP B 29 15.87 -18.14 -4.73
CA ASP B 29 17.15 -18.40 -5.41
C ASP B 29 17.20 -17.74 -6.78
N ALA B 30 16.10 -17.78 -7.54
CA ALA B 30 16.09 -17.33 -8.92
C ALA B 30 15.56 -15.92 -9.05
N MET B 31 16.21 -15.12 -9.90
CA MET B 31 15.78 -13.75 -10.17
C MET B 31 15.91 -13.49 -11.67
N TYR B 32 15.08 -12.57 -12.16
CA TYR B 32 14.93 -12.35 -13.59
C TYR B 32 14.80 -10.86 -13.88
N TRP B 33 15.25 -10.47 -15.08
CA TRP B 33 15.05 -9.13 -15.61
C TRP B 33 14.37 -9.23 -16.96
N TYR B 34 13.27 -8.50 -17.12
CA TYR B 34 12.50 -8.47 -18.35
C TYR B 34 12.43 -7.06 -18.90
N ARG B 35 12.25 -6.97 -20.21
CA ARG B 35 11.89 -5.72 -20.88
C ARG B 35 10.53 -5.93 -21.55
N GLN B 36 9.57 -5.08 -21.21
CA GLN B 36 8.21 -5.20 -21.72
C GLN B 36 8.03 -4.22 -22.87
N ASP B 37 7.98 -4.75 -24.08
CA ASP B 37 7.74 -3.99 -25.29
C ASP B 37 6.26 -4.07 -25.68
N PRO B 38 5.72 -3.04 -26.34
CA PRO B 38 4.28 -3.01 -26.59
C PRO B 38 3.74 -4.23 -27.33
N GLY B 39 4.29 -4.57 -28.48
CA GLY B 39 3.81 -5.69 -29.25
C GLY B 39 4.53 -7.01 -29.04
N GLN B 40 5.57 -7.05 -28.20
CA GLN B 40 6.38 -8.26 -28.04
C GLN B 40 6.17 -8.95 -26.70
N GLY B 41 5.40 -8.37 -25.78
CA GLY B 41 5.22 -9.01 -24.50
C GLY B 41 6.45 -8.87 -23.61
N LEU B 42 6.69 -9.90 -22.81
CA LEU B 42 7.84 -9.93 -21.91
C LEU B 42 9.02 -10.60 -22.60
N ARG B 43 10.15 -9.88 -22.66
CA ARG B 43 11.36 -10.37 -23.29
C ARG B 43 12.46 -10.48 -22.24
N LEU B 44 13.02 -11.67 -22.09
CA LEU B 44 14.00 -11.94 -21.05
C LEU B 44 15.35 -11.33 -21.41
N ILE B 45 15.91 -10.55 -20.50
CA ILE B 45 17.22 -9.93 -20.68
C ILE B 45 18.28 -10.80 -20.02
N TYR B 46 18.13 -11.03 -18.73
CA TYR B 46 19.05 -11.84 -17.95
C TYR B 46 18.26 -12.58 -16.88
N TYR B 47 18.74 -13.77 -16.52
CA TYR B 47 18.17 -14.50 -15.39
C TYR B 47 19.29 -15.12 -14.58
N SER B 48 19.05 -15.26 -13.27
CA SER B 48 20.04 -15.77 -12.34
C SER B 48 19.42 -16.92 -11.57
N GLN B 49 19.89 -18.14 -11.85
CA GLN B 49 19.35 -19.32 -11.20
C GLN B 49 19.62 -19.31 -9.70
N ILE B 50 20.77 -18.80 -9.29
CA ILE B 50 21.17 -18.79 -7.88
C ILE B 50 22.29 -17.78 -7.74
N VAL B 51 22.71 -17.49 -6.50
CA VAL B 51 23.77 -16.50 -6.29
C VAL B 51 25.04 -16.93 -7.03
N ASN B 52 25.74 -15.93 -7.59
CA ASN B 52 26.98 -16.04 -8.35
C ASN B 52 26.78 -16.67 -9.72
N ASP B 53 25.55 -16.94 -10.15
CA ASP B 53 25.30 -17.57 -11.44
C ASP B 53 24.21 -16.79 -12.17
N PHE B 54 24.51 -16.36 -13.38
CA PHE B 54 23.53 -15.68 -14.23
C PHE B 54 23.79 -16.05 -15.68
N GLN B 55 22.71 -16.08 -16.47
CA GLN B 55 22.77 -16.46 -17.87
C GLN B 55 22.03 -15.43 -18.71
N LYS B 56 22.45 -15.31 -19.97
CA LYS B 56 21.85 -14.33 -20.87
C LYS B 56 20.45 -14.76 -21.28
N GLY B 57 19.58 -13.77 -21.50
CA GLY B 57 18.26 -14.03 -22.04
C GLY B 57 18.25 -13.94 -23.55
N ASP B 58 17.17 -13.40 -24.11
CA ASP B 58 17.07 -13.25 -25.56
C ASP B 58 17.59 -11.90 -26.04
N ILE B 59 17.55 -10.87 -25.19
CA ILE B 59 17.99 -9.54 -25.58
C ILE B 59 19.04 -9.03 -24.59
N ALA B 60 20.01 -9.88 -24.25
CA ALA B 60 21.04 -9.50 -23.31
C ALA B 60 21.98 -8.43 -23.86
N GLU B 61 21.97 -8.22 -25.18
CA GLU B 61 22.89 -7.27 -25.81
C GLU B 61 22.64 -5.86 -25.29
N GLY B 62 23.70 -5.21 -24.85
CA GLY B 62 23.62 -3.87 -24.30
C GLY B 62 23.41 -3.80 -22.81
N TYR B 63 23.19 -4.94 -22.14
CA TYR B 63 22.95 -4.98 -20.71
C TYR B 63 24.00 -5.83 -20.01
N SER B 64 24.15 -5.60 -18.72
CA SER B 64 25.01 -6.39 -17.86
C SER B 64 24.37 -6.49 -16.48
N VAL B 65 24.66 -7.58 -15.78
CA VAL B 65 24.11 -7.85 -14.46
C VAL B 65 25.21 -8.41 -13.57
N SER B 66 24.86 -8.58 -12.29
CA SER B 66 25.72 -9.26 -11.33
C SER B 66 24.84 -9.84 -10.24
N ARG B 67 25.36 -10.86 -9.54
CA ARG B 67 24.63 -11.54 -8.50
C ARG B 67 25.61 -11.93 -7.40
N GLU B 68 26.27 -10.92 -6.81
CA GLU B 68 27.19 -11.18 -5.72
C GLU B 68 26.46 -11.48 -4.41
N LYS B 69 25.20 -11.08 -4.30
CA LYS B 69 24.37 -11.37 -3.15
C LYS B 69 23.09 -12.08 -3.59
N LYS B 70 22.47 -12.80 -2.66
CA LYS B 70 21.24 -13.51 -2.96
C LYS B 70 20.06 -12.55 -3.12
N GLU B 71 20.07 -11.44 -2.40
CA GLU B 71 18.90 -10.56 -2.37
C GLU B 71 18.84 -9.62 -3.56
N SER B 72 19.97 -9.28 -4.17
CA SER B 72 20.03 -8.22 -5.18
C SER B 72 20.41 -8.78 -6.54
N PHE B 73 19.83 -8.21 -7.58
CA PHE B 73 20.11 -8.57 -8.98
C PHE B 73 20.14 -7.30 -9.81
N PRO B 74 21.19 -6.50 -9.67
CA PRO B 74 21.21 -5.18 -10.34
C PRO B 74 21.38 -5.33 -11.85
N LEU B 75 20.53 -4.64 -12.58
CA LEU B 75 20.62 -4.56 -14.05
C LEU B 75 21.25 -3.22 -14.43
N THR B 76 22.27 -3.28 -15.28
CA THR B 76 22.94 -2.08 -15.78
C THR B 76 22.65 -1.92 -17.25
N VAL B 77 22.12 -0.75 -17.62
CA VAL B 77 21.84 -0.40 -19.01
C VAL B 77 22.99 0.48 -19.49
N THR B 78 23.79 -0.05 -20.40
CA THR B 78 24.93 0.70 -20.92
C THR B 78 24.49 1.65 -22.03
N SER B 79 25.45 2.47 -22.49
CA SER B 79 25.19 3.42 -23.55
C SER B 79 24.96 2.75 -24.89
N ALA B 80 25.41 1.50 -25.06
CA ALA B 80 25.16 0.77 -26.30
C ALA B 80 23.69 0.45 -26.49
N GLN B 81 22.90 0.47 -25.42
CA GLN B 81 21.46 0.26 -25.52
C GLN B 81 20.81 1.56 -25.96
N LYS B 82 20.29 1.59 -27.18
CA LYS B 82 19.85 2.82 -27.83
C LYS B 82 18.33 2.89 -27.97
N ASN B 83 17.60 2.41 -26.96
CA ASN B 83 16.14 2.54 -26.96
C ASN B 83 15.75 3.83 -26.27
N PRO B 84 15.01 4.73 -26.94
CA PRO B 84 14.62 5.99 -26.29
C PRO B 84 13.76 5.78 -25.05
N THR B 85 12.99 4.70 -25.00
CA THR B 85 12.17 4.41 -23.83
C THR B 85 11.99 2.90 -23.72
N ALA B 86 11.90 2.41 -22.48
CA ALA B 86 11.72 1.00 -22.25
C ALA B 86 11.14 0.80 -20.86
N PHE B 87 10.41 -0.30 -20.68
CA PHE B 87 9.80 -0.68 -19.41
C PHE B 87 10.45 -1.97 -18.93
N TYR B 88 11.09 -1.91 -17.78
CA TYR B 88 11.86 -3.02 -17.24
C TYR B 88 11.16 -3.63 -16.03
N LEU B 89 10.98 -4.95 -16.06
CA LEU B 89 10.35 -5.68 -14.98
C LEU B 89 11.35 -6.63 -14.35
N CYS B 90 11.40 -6.64 -13.02
CA CYS B 90 12.19 -7.61 -12.28
C CYS B 90 11.28 -8.64 -11.64
N ALA B 91 11.76 -9.88 -11.57
CA ALA B 91 10.97 -10.97 -11.03
C ALA B 91 11.87 -11.91 -10.25
N SER B 92 11.23 -12.76 -9.42
CA SER B 92 11.95 -13.76 -8.67
C SER B 92 11.04 -14.96 -8.44
N SER B 93 11.68 -16.11 -8.20
CA SER B 93 10.96 -17.34 -7.88
C SER B 93 11.83 -18.16 -6.94
N ILE B 94 11.19 -19.10 -6.25
CA ILE B 94 11.90 -19.94 -5.28
C ILE B 94 13.10 -20.61 -5.94
N THR B 95 12.85 -21.31 -7.06
CA THR B 95 13.92 -21.85 -7.90
C THR B 95 13.52 -21.65 -9.35
N LEU B 96 14.39 -22.10 -10.26
CA LEU B 96 14.07 -22.12 -11.68
C LEU B 96 13.08 -23.23 -12.04
N SER B 97 12.63 -24.01 -11.05
CA SER B 97 11.77 -25.16 -11.33
C SER B 97 10.44 -24.73 -11.93
N SER B 98 9.84 -25.64 -12.70
CA SER B 98 8.59 -25.35 -13.37
C SER B 98 7.44 -25.13 -12.38
N TYR B 99 7.55 -25.71 -11.18
CA TYR B 99 6.48 -25.61 -10.20
C TYR B 99 6.40 -24.23 -9.55
N ASN B 100 7.47 -23.45 -9.60
CA ASN B 100 7.54 -22.17 -8.89
C ASN B 100 7.15 -21.05 -9.84
N GLU B 101 6.07 -20.34 -9.51
CA GLU B 101 5.70 -19.17 -10.27
C GLU B 101 6.61 -17.99 -9.93
N GLN B 102 6.62 -17.01 -10.82
CA GLN B 102 7.44 -15.83 -10.66
C GLN B 102 6.61 -14.70 -10.05
N PHE B 103 7.18 -14.03 -9.05
CA PHE B 103 6.62 -12.81 -8.49
C PHE B 103 7.30 -11.62 -9.14
N PHE B 104 6.53 -10.58 -9.45
CA PHE B 104 7.04 -9.46 -10.23
C PHE B 104 7.07 -8.18 -9.41
N GLY B 105 8.11 -7.38 -9.64
CA GLY B 105 8.17 -6.05 -9.06
C GLY B 105 7.26 -5.09 -9.78
N PRO B 106 7.20 -3.86 -9.25
CA PRO B 106 6.28 -2.87 -9.83
C PRO B 106 6.67 -2.42 -11.23
N GLY B 107 7.96 -2.50 -11.59
CA GLY B 107 8.42 -2.08 -12.89
C GLY B 107 9.11 -0.72 -12.86
N THR B 108 9.76 -0.39 -13.97
CA THR B 108 10.52 0.84 -14.08
C THR B 108 10.50 1.33 -15.52
N ARG B 109 10.08 2.57 -15.72
CA ARG B 109 10.13 3.22 -17.02
C ARG B 109 11.43 4.03 -17.12
N LEU B 110 12.25 3.70 -18.11
CA LEU B 110 13.53 4.36 -18.33
C LEU B 110 13.47 5.16 -19.63
N THR B 111 13.57 6.48 -19.52
CA THR B 111 13.45 7.40 -20.64
C THR B 111 14.81 8.03 -20.96
N VAL B 112 15.08 8.26 -22.23
CA VAL B 112 16.27 9.00 -22.65
C VAL B 112 15.91 10.47 -22.69
N LEU B 113 16.43 11.24 -21.75
CA LEU B 113 16.18 12.68 -21.65
C LEU B 113 17.47 13.42 -21.96
N GLU B 114 17.44 14.22 -23.05
CA GLU B 114 18.65 14.88 -23.53
C GLU B 114 18.89 16.22 -22.83
N ASP B 115 17.89 17.07 -22.76
CA ASP B 115 17.99 18.37 -22.11
C ASP B 115 17.16 18.36 -20.83
N LEU B 116 17.81 18.68 -19.71
CA LEU B 116 17.16 18.69 -18.41
C LEU B 116 16.57 20.05 -18.04
N LYS B 117 16.77 21.08 -18.87
CA LYS B 117 16.30 22.40 -18.53
C LYS B 117 14.78 22.55 -18.67
N ASN B 118 14.13 21.67 -19.41
CA ASN B 118 12.69 21.72 -19.59
C ASN B 118 11.94 20.75 -18.67
N VAL B 119 12.58 20.33 -17.58
CA VAL B 119 11.93 19.49 -16.57
C VAL B 119 11.18 20.39 -15.60
N PHE B 120 9.88 20.16 -15.46
CA PHE B 120 9.04 20.97 -14.59
C PHE B 120 8.14 20.08 -13.75
N PRO B 121 7.92 20.44 -12.49
CA PRO B 121 6.93 19.72 -11.68
C PRO B 121 5.53 20.18 -12.05
N PRO B 122 4.51 19.42 -11.66
CA PRO B 122 3.14 19.80 -12.01
C PRO B 122 2.53 20.77 -11.02
N GLU B 123 1.60 21.57 -11.53
CA GLU B 123 0.65 22.32 -10.71
C GLU B 123 -0.64 21.52 -10.61
N VAL B 124 -1.24 21.51 -9.43
CA VAL B 124 -2.40 20.67 -9.15
C VAL B 124 -3.52 21.55 -8.61
N ALA B 125 -4.73 21.37 -9.15
CA ALA B 125 -5.91 22.07 -8.69
C ALA B 125 -7.10 21.12 -8.71
N VAL B 126 -7.99 21.30 -7.73
CA VAL B 126 -9.22 20.51 -7.64
C VAL B 126 -10.40 21.40 -7.98
N PHE B 127 -11.30 20.88 -8.81
CA PHE B 127 -12.49 21.60 -9.24
C PHE B 127 -13.71 20.96 -8.62
N GLU B 128 -14.51 21.78 -7.92
CA GLU B 128 -15.62 21.31 -7.12
C GLU B 128 -16.83 20.98 -7.99
N PRO B 129 -17.69 20.05 -7.54
CA PRO B 129 -18.87 19.70 -8.33
C PRO B 129 -19.83 20.88 -8.48
N SER B 130 -20.61 20.84 -9.55
CA SER B 130 -21.57 21.89 -9.84
C SER B 130 -22.92 21.56 -9.22
N GLU B 131 -23.67 22.61 -8.88
CA GLU B 131 -25.01 22.40 -8.33
C GLU B 131 -25.94 21.78 -9.36
N ALA B 132 -25.68 22.02 -10.65
CA ALA B 132 -26.53 21.44 -11.69
C ALA B 132 -26.45 19.91 -11.66
N GLU B 133 -25.25 19.36 -11.50
CA GLU B 133 -25.11 17.91 -11.43
C GLU B 133 -25.74 17.35 -10.16
N ILE B 134 -25.60 18.08 -9.05
CA ILE B 134 -26.14 17.61 -7.77
C ILE B 134 -27.66 17.54 -7.83
N SER B 135 -28.30 18.55 -8.42
CA SER B 135 -29.76 18.55 -8.50
C SER B 135 -30.27 17.57 -9.55
N HIS B 136 -29.50 17.36 -10.62
CA HIS B 136 -29.99 16.55 -11.74
C HIS B 136 -29.78 15.06 -11.50
N THR B 137 -28.66 14.67 -10.87
CA THR B 137 -28.32 13.26 -10.71
C THR B 137 -28.14 12.83 -9.27
N GLN B 138 -28.20 13.75 -8.31
CA GLN B 138 -27.91 13.45 -6.90
C GLN B 138 -26.51 12.88 -6.72
N LYS B 139 -25.60 13.21 -7.63
CA LYS B 139 -24.20 12.81 -7.53
C LYS B 139 -23.32 14.03 -7.67
N ALA B 140 -22.08 13.91 -7.19
CA ALA B 140 -21.13 15.02 -7.18
C ALA B 140 -19.78 14.53 -7.69
N THR B 141 -19.31 15.11 -8.78
CA THR B 141 -18.06 14.71 -9.41
C THR B 141 -17.00 15.77 -9.18
N LEU B 142 -15.91 15.38 -8.52
CA LEU B 142 -14.73 16.23 -8.41
C LEU B 142 -13.78 15.92 -9.56
N VAL B 143 -13.10 16.96 -10.05
CA VAL B 143 -12.13 16.83 -11.13
C VAL B 143 -10.80 17.38 -10.64
N CYS B 144 -9.76 16.56 -10.70
CA CYS B 144 -8.40 17.00 -10.40
C CYS B 144 -7.64 17.21 -11.70
N LEU B 145 -6.83 18.25 -11.74
CA LEU B 145 -6.10 18.63 -12.95
C LEU B 145 -4.65 18.91 -12.58
N ALA B 146 -3.74 18.15 -13.18
CA ALA B 146 -2.30 18.37 -13.03
C ALA B 146 -1.75 18.87 -14.35
N THR B 147 -1.07 20.01 -14.33
CA THR B 147 -0.68 20.69 -15.55
C THR B 147 0.81 21.09 -15.51
N GLY B 148 1.35 21.30 -16.70
CA GLY B 148 2.65 21.94 -16.85
C GLY B 148 3.84 21.14 -16.37
N PHE B 149 3.76 19.81 -16.38
CA PHE B 149 4.86 18.97 -15.91
C PHE B 149 5.57 18.30 -17.09
N TYR B 150 6.85 18.01 -16.89
CA TYR B 150 7.68 17.31 -17.87
C TYR B 150 8.84 16.64 -17.14
N PRO B 151 9.13 15.36 -17.44
CA PRO B 151 8.39 14.52 -18.39
C PRO B 151 7.09 13.98 -17.81
N ASP B 152 6.37 13.14 -18.57
CA ASP B 152 5.10 12.59 -18.14
C ASP B 152 5.30 11.42 -17.17
N HIS B 153 5.90 11.74 -16.03
CA HIS B 153 6.21 10.78 -14.97
C HIS B 153 5.46 11.22 -13.71
N VAL B 154 4.18 10.87 -13.63
CA VAL B 154 3.34 11.26 -12.50
C VAL B 154 2.49 10.08 -12.05
N GLU B 155 2.07 10.14 -10.79
CA GLU B 155 1.19 9.14 -10.19
C GLU B 155 0.12 9.89 -9.39
N LEU B 156 -1.11 9.87 -9.88
CA LEU B 156 -2.21 10.60 -9.26
C LEU B 156 -3.01 9.67 -8.35
N SER B 157 -3.44 10.19 -7.21
CA SER B 157 -4.24 9.42 -6.26
C SER B 157 -5.19 10.36 -5.54
N TRP B 158 -6.34 9.81 -5.15
CA TRP B 158 -7.35 10.54 -4.40
C TRP B 158 -7.36 10.08 -2.95
N TRP B 159 -7.49 11.05 -2.04
CA TRP B 159 -7.52 10.79 -0.61
C TRP B 159 -8.73 11.47 0.00
N VAL B 160 -9.53 10.72 0.74
CA VAL B 160 -10.76 11.23 1.34
C VAL B 160 -10.74 10.94 2.83
N ASN B 161 -10.75 12.00 3.65
CA ASN B 161 -10.68 11.88 5.11
C ASN B 161 -9.46 11.05 5.53
N GLY B 162 -8.33 11.29 4.88
CA GLY B 162 -7.08 10.66 5.25
C GLY B 162 -6.84 9.28 4.68
N LYS B 163 -7.77 8.74 3.90
CA LYS B 163 -7.65 7.40 3.35
C LYS B 163 -7.69 7.46 1.83
N GLU B 164 -6.82 6.68 1.19
CA GLU B 164 -6.82 6.61 -0.26
C GLU B 164 -8.06 5.86 -0.74
N VAL B 165 -8.68 6.38 -1.80
CA VAL B 165 -9.91 5.83 -2.34
C VAL B 165 -9.66 5.37 -3.77
N HIS B 166 -10.41 4.35 -4.19
CA HIS B 166 -10.32 3.83 -5.55
C HIS B 166 -11.70 3.77 -6.19
N SER B 167 -12.73 3.59 -5.38
CA SER B 167 -14.09 3.51 -5.90
C SER B 167 -14.55 4.87 -6.42
N GLY B 168 -15.24 4.85 -7.56
CA GLY B 168 -15.69 6.09 -8.16
C GLY B 168 -14.59 6.93 -8.76
N VAL B 169 -13.41 6.36 -8.98
CA VAL B 169 -12.25 7.08 -9.49
C VAL B 169 -11.89 6.53 -10.86
N CYS B 170 -11.58 7.44 -11.79
CA CYS B 170 -10.98 7.07 -13.06
C CYS B 170 -10.02 8.18 -13.46
N THR B 171 -8.85 7.79 -13.95
CA THR B 171 -7.80 8.73 -14.33
C THR B 171 -7.48 8.55 -15.80
N ASP B 172 -7.18 9.65 -16.49
CA ASP B 172 -6.81 9.60 -17.89
C ASP B 172 -5.69 8.59 -18.10
N PRO B 173 -5.83 7.66 -19.05
CA PRO B 173 -4.76 6.68 -19.28
C PRO B 173 -3.51 7.28 -19.87
N GLN B 174 -3.60 8.43 -20.55
CA GLN B 174 -2.46 9.10 -21.14
C GLN B 174 -2.60 10.60 -20.93
N PRO B 175 -1.50 11.29 -20.63
CA PRO B 175 -1.57 12.75 -20.47
C PRO B 175 -1.74 13.44 -21.82
N LEU B 176 -2.12 14.71 -21.74
CA LEU B 176 -2.25 15.57 -22.91
C LEU B 176 -1.01 16.44 -23.06
N LYS B 177 -0.67 16.75 -24.31
CA LYS B 177 0.35 17.75 -24.59
C LYS B 177 -0.26 19.14 -24.51
N GLU B 178 0.29 19.99 -23.63
CA GLU B 178 -0.16 21.37 -23.54
C GLU B 178 0.21 22.18 -24.78
N GLN B 179 1.28 21.80 -25.48
CA GLN B 179 1.63 22.39 -26.77
C GLN B 179 1.84 21.24 -27.75
N PRO B 180 0.75 20.70 -28.33
CA PRO B 180 0.85 19.44 -29.08
C PRO B 180 1.71 19.52 -30.34
N ALA B 181 2.12 20.71 -30.78
CA ALA B 181 2.96 20.82 -31.96
C ALA B 181 4.45 20.75 -31.64
N LEU B 182 4.82 20.68 -30.36
CA LEU B 182 6.21 20.70 -29.94
C LEU B 182 6.63 19.33 -29.40
N ASN B 183 7.89 18.96 -29.69
CA ASN B 183 8.40 17.66 -29.25
C ASN B 183 8.77 17.65 -27.77
N ASP B 184 9.02 18.81 -27.18
CA ASP B 184 9.34 18.92 -25.76
C ASP B 184 8.20 19.59 -24.99
N SER B 185 6.96 19.37 -25.42
CA SER B 185 5.81 19.96 -24.75
C SER B 185 5.67 19.43 -23.33
N ARG B 186 5.22 20.30 -22.44
CA ARG B 186 4.83 19.89 -21.11
C ARG B 186 3.45 19.24 -21.15
N TYR B 187 3.13 18.49 -20.10
CA TYR B 187 1.96 17.62 -20.13
C TYR B 187 0.92 18.05 -19.12
N ALA B 188 -0.31 17.58 -19.35
CA ALA B 188 -1.43 17.80 -18.45
C ALA B 188 -2.18 16.49 -18.26
N LEU B 189 -2.71 16.30 -17.05
CA LEU B 189 -3.41 15.07 -16.69
C LEU B 189 -4.61 15.42 -15.83
N SER B 190 -5.73 14.75 -16.08
CA SER B 190 -6.95 14.97 -15.30
C SER B 190 -7.43 13.67 -14.68
N SER B 191 -8.25 13.81 -13.64
CA SER B 191 -8.83 12.67 -12.94
C SER B 191 -10.17 13.06 -12.37
N ARG B 192 -11.01 12.07 -12.12
CA ARG B 192 -12.36 12.27 -11.63
C ARG B 192 -12.62 11.41 -10.41
N LEU B 193 -13.29 11.98 -9.42
CA LEU B 193 -13.78 11.27 -8.25
C LEU B 193 -15.24 11.64 -8.05
N ARG B 194 -16.13 10.66 -8.20
CA ARG B 194 -17.56 10.88 -8.09
C ARG B 194 -18.08 10.28 -6.79
N VAL B 195 -18.78 11.11 -6.00
CA VAL B 195 -19.40 10.68 -4.75
C VAL B 195 -20.86 11.09 -4.79
N SER B 196 -21.63 10.57 -3.83
CA SER B 196 -23.03 10.96 -3.71
C SER B 196 -23.14 12.42 -3.31
N ALA B 197 -24.26 13.04 -3.70
CA ALA B 197 -24.49 14.43 -3.35
C ALA B 197 -24.50 14.62 -1.84
N THR B 198 -25.06 13.66 -1.11
CA THR B 198 -25.09 13.74 0.35
C THR B 198 -23.68 13.81 0.92
N PHE B 199 -22.75 13.02 0.37
CA PHE B 199 -21.40 12.98 0.91
C PHE B 199 -20.67 14.30 0.66
N TRP B 200 -20.75 14.82 -0.56
CA TRP B 200 -20.10 16.10 -0.86
C TRP B 200 -20.72 17.25 -0.08
N GLN B 201 -22.03 17.19 0.20
CA GLN B 201 -22.70 18.25 0.92
C GLN B 201 -22.46 18.20 2.42
N ASP B 202 -21.60 17.29 2.88
CA ASP B 202 -21.21 17.25 4.28
C ASP B 202 -19.92 18.06 4.44
N PRO B 203 -19.93 19.18 5.16
CA PRO B 203 -18.71 20.00 5.24
C PRO B 203 -17.56 19.33 5.98
N ARG B 204 -17.83 18.31 6.80
CA ARG B 204 -16.75 17.64 7.50
C ARG B 204 -15.89 16.78 6.57
N ASN B 205 -16.39 16.46 5.39
CA ASN B 205 -15.65 15.58 4.47
C ASN B 205 -14.51 16.34 3.82
N HIS B 206 -13.34 15.71 3.78
CA HIS B 206 -12.12 16.31 3.26
C HIS B 206 -11.66 15.52 2.04
N PHE B 207 -11.48 16.21 0.91
CA PHE B 207 -11.04 15.59 -0.33
C PHE B 207 -9.66 16.12 -0.70
N ARG B 208 -8.82 15.24 -1.23
CA ARG B 208 -7.45 15.60 -1.53
C ARG B 208 -6.98 14.85 -2.76
N CYS B 209 -6.41 15.58 -3.72
CA CYS B 209 -5.78 15.00 -4.89
C CYS B 209 -4.27 15.13 -4.76
N GLN B 210 -3.57 14.00 -4.86
CA GLN B 210 -2.14 13.94 -4.66
C GLN B 210 -1.47 13.44 -5.92
N VAL B 211 -0.43 14.15 -6.37
CA VAL B 211 0.30 13.79 -7.57
C VAL B 211 1.78 13.66 -7.22
N GLN B 212 2.33 12.46 -7.41
CA GLN B 212 3.74 12.19 -7.19
C GLN B 212 4.49 12.42 -8.50
N PHE B 213 5.42 13.37 -8.48
CA PHE B 213 6.21 13.71 -9.65
C PHE B 213 7.61 13.12 -9.53
N TYR B 214 8.13 12.61 -10.64
CA TYR B 214 9.47 12.02 -10.68
C TYR B 214 10.35 12.91 -11.56
N GLY B 215 11.30 13.60 -10.92
CA GLY B 215 12.20 14.47 -11.65
C GLY B 215 13.65 14.26 -11.30
N LEU B 216 14.34 15.35 -10.97
CA LEU B 216 15.76 15.27 -10.63
C LEU B 216 15.93 14.72 -9.22
N SER B 217 17.07 14.08 -8.99
CA SER B 217 17.43 13.63 -7.66
C SER B 217 18.11 14.76 -6.90
N GLU B 218 18.44 14.51 -5.63
CA GLU B 218 19.04 15.54 -4.82
C GLU B 218 20.49 15.80 -5.21
N ASN B 219 21.20 14.79 -5.71
CA ASN B 219 22.59 14.92 -6.09
C ASN B 219 22.79 15.39 -7.53
N ASP B 220 21.72 15.78 -8.21
CA ASP B 220 21.84 16.30 -9.57
C ASP B 220 22.20 17.79 -9.53
N GLU B 221 22.94 18.23 -10.55
CA GLU B 221 23.31 19.63 -10.64
C GLU B 221 22.17 20.46 -11.23
N TRP B 222 21.99 21.65 -10.68
CA TRP B 222 20.96 22.57 -11.14
C TRP B 222 21.50 23.98 -11.07
N THR B 223 21.67 24.63 -12.21
CA THR B 223 22.22 25.97 -12.32
C THR B 223 21.27 26.88 -13.07
N GLN B 224 20.00 26.90 -12.66
CA GLN B 224 18.98 27.70 -13.28
C GLN B 224 18.39 28.68 -12.25
N ASP B 225 17.53 29.57 -12.75
CA ASP B 225 16.94 30.58 -11.88
C ASP B 225 15.81 30.00 -11.05
N ARG B 226 14.93 29.22 -11.67
CA ARG B 226 13.80 28.66 -10.95
C ARG B 226 14.24 27.55 -10.00
N ALA B 227 13.29 27.09 -9.19
CA ALA B 227 13.58 26.05 -8.21
C ALA B 227 13.90 24.73 -8.90
N LYS B 228 14.73 23.93 -8.25
CA LYS B 228 15.15 22.64 -8.78
C LYS B 228 13.97 21.69 -8.88
N PRO B 229 13.59 21.23 -10.07
CA PRO B 229 12.41 20.35 -10.23
C PRO B 229 12.69 18.91 -9.79
N VAL B 230 12.88 18.74 -8.49
CA VAL B 230 13.19 17.43 -7.92
C VAL B 230 11.93 16.57 -7.83
N THR B 231 12.11 15.29 -7.53
CA THR B 231 10.99 14.42 -7.22
C THR B 231 10.25 14.95 -6.00
N GLN B 232 8.93 15.11 -6.13
CA GLN B 232 8.14 15.74 -5.08
C GLN B 232 6.68 15.34 -5.25
N ILE B 233 5.85 15.80 -4.32
CA ILE B 233 4.42 15.54 -4.32
C ILE B 233 3.69 16.88 -4.29
N VAL B 234 2.82 17.11 -5.26
CA VAL B 234 2.02 18.32 -5.34
C VAL B 234 0.57 17.94 -5.12
N SER B 235 -0.14 18.70 -4.29
CA SER B 235 -1.49 18.34 -3.89
C SER B 235 -2.40 19.56 -3.93
N ALA B 236 -3.70 19.28 -4.03
CA ALA B 236 -4.76 20.27 -3.91
C ALA B 236 -5.94 19.61 -3.19
N GLU B 237 -6.60 20.36 -2.31
CA GLU B 237 -7.63 19.82 -1.45
C GLU B 237 -8.93 20.59 -1.62
N ALA B 238 -10.01 19.99 -1.12
CA ALA B 238 -11.33 20.59 -1.16
C ALA B 238 -12.19 19.96 -0.08
N TRP B 239 -13.03 20.78 0.56
CA TRP B 239 -13.93 20.33 1.61
C TRP B 239 -15.37 20.41 1.13
N GLY B 240 -16.27 19.82 1.92
CA GLY B 240 -17.66 19.75 1.54
C GLY B 240 -18.36 21.10 1.63
N ARG B 241 -19.53 21.16 0.99
CA ARG B 241 -20.34 22.38 0.93
C ARG B 241 -21.81 22.01 1.06
N ALA B 242 -22.44 22.49 2.13
CA ALA B 242 -23.87 22.26 2.34
C ALA B 242 -24.70 22.99 1.30
N GLN C 3 11.73 -22.68 -27.65
CA GLN C 3 10.40 -22.71 -27.07
C GLN C 3 9.67 -21.40 -27.33
N SER C 4 8.37 -21.50 -27.61
CA SER C 4 7.55 -20.31 -27.80
C SER C 4 6.14 -20.59 -27.28
N VAL C 5 5.45 -19.53 -26.92
CA VAL C 5 4.06 -19.58 -26.46
C VAL C 5 3.25 -18.66 -27.37
N SER C 6 2.12 -19.18 -27.85
CA SER C 6 1.30 -18.47 -28.84
C SER C 6 -0.06 -18.15 -28.24
N GLN C 7 -0.36 -16.86 -28.13
CA GLN C 7 -1.69 -16.37 -27.80
C GLN C 7 -2.26 -15.77 -29.08
N HIS C 8 -3.31 -16.41 -29.62
CA HIS C 8 -3.71 -16.13 -30.99
C HIS C 8 -4.45 -14.80 -31.13
N ASN C 9 -5.16 -14.36 -30.10
CA ASN C 9 -5.88 -13.09 -30.14
C ASN C 9 -5.00 -11.99 -29.55
N HIS C 10 -4.74 -10.95 -30.35
CA HIS C 10 -3.93 -9.84 -29.85
C HIS C 10 -4.78 -8.84 -29.07
N HIS C 11 -6.01 -8.61 -29.50
CA HIS C 11 -6.90 -7.67 -28.82
C HIS C 11 -8.32 -8.19 -28.91
N VAL C 12 -8.97 -8.31 -27.75
CA VAL C 12 -10.34 -8.81 -27.65
C VAL C 12 -11.20 -7.73 -27.03
N ILE C 13 -12.28 -7.37 -27.72
CA ILE C 13 -13.27 -6.41 -27.23
C ILE C 13 -14.56 -7.16 -26.98
N LEU C 14 -15.06 -7.10 -25.74
CA LEU C 14 -16.24 -7.84 -25.33
C LEU C 14 -17.20 -6.91 -24.59
N SER C 15 -18.49 -7.14 -24.79
CA SER C 15 -19.48 -6.51 -23.94
C SER C 15 -19.55 -7.23 -22.61
N GLU C 16 -20.12 -6.55 -21.62
CA GLU C 16 -20.24 -7.16 -20.30
C GLU C 16 -21.20 -8.34 -20.34
N ALA C 17 -20.97 -9.31 -19.45
CA ALA C 17 -21.68 -10.58 -19.32
C ALA C 17 -21.41 -11.54 -20.46
N ALA C 18 -20.59 -11.17 -21.44
CA ALA C 18 -20.23 -12.08 -22.51
C ALA C 18 -19.17 -13.07 -22.05
N SER C 19 -19.00 -14.13 -22.84
CA SER C 19 -18.03 -15.17 -22.51
C SER C 19 -16.64 -14.79 -22.99
N LEU C 20 -15.63 -15.20 -22.23
CA LEU C 20 -14.24 -14.97 -22.56
C LEU C 20 -13.58 -16.28 -22.94
N GLU C 21 -12.73 -16.24 -23.97
CA GLU C 21 -12.02 -17.42 -24.43
C GLU C 21 -10.70 -16.95 -25.01
N LEU C 22 -9.63 -17.01 -24.22
CA LEU C 22 -8.30 -16.63 -24.65
C LEU C 22 -7.48 -17.88 -24.92
N GLY C 23 -7.04 -18.05 -26.16
CA GLY C 23 -6.27 -19.23 -26.52
C GLY C 23 -4.81 -19.10 -26.15
N CYS C 24 -4.22 -20.26 -25.83
CA CYS C 24 -2.79 -20.33 -25.55
C CYS C 24 -2.28 -21.69 -26.03
N ASN C 25 -1.17 -21.66 -26.77
CA ASN C 25 -0.53 -22.87 -27.26
C ASN C 25 0.97 -22.73 -27.10
N TYR C 26 1.62 -23.85 -26.83
CA TYR C 26 3.06 -23.90 -26.65
C TYR C 26 3.66 -24.94 -27.59
N SER C 27 4.93 -24.74 -27.94
CA SER C 27 5.60 -25.60 -28.91
C SER C 27 6.50 -26.65 -28.28
N TYR C 28 6.68 -26.64 -26.97
CA TYR C 28 7.50 -27.64 -26.31
C TYR C 28 6.75 -28.97 -26.21
N GLY C 29 7.47 -30.06 -26.42
CA GLY C 29 6.87 -31.36 -26.59
C GLY C 29 6.90 -32.30 -25.40
N GLY C 30 7.46 -31.88 -24.26
CA GLY C 30 7.48 -32.68 -23.06
C GLY C 30 6.49 -32.18 -22.01
N THR C 31 6.63 -32.74 -20.82
CA THR C 31 5.81 -32.31 -19.69
C THR C 31 6.15 -30.88 -19.32
N VAL C 32 5.13 -30.12 -18.89
CA VAL C 32 5.25 -28.70 -18.62
C VAL C 32 4.41 -28.33 -17.40
N ASN C 33 4.66 -27.13 -16.88
CA ASN C 33 3.74 -26.46 -15.98
C ASN C 33 3.30 -25.16 -16.65
N LEU C 34 2.05 -24.77 -16.38
CA LEU C 34 1.42 -23.70 -17.14
C LEU C 34 0.86 -22.65 -16.20
N PHE C 35 0.85 -21.40 -16.68
CA PHE C 35 0.52 -20.26 -15.85
C PHE C 35 -0.27 -19.23 -16.66
N TRP C 36 -1.16 -18.52 -15.99
CA TRP C 36 -1.83 -17.36 -16.56
C TRP C 36 -1.60 -16.17 -15.64
N TYR C 37 -1.07 -15.08 -16.20
CA TYR C 37 -0.82 -13.85 -15.48
C TYR C 37 -1.73 -12.75 -16.02
N VAL C 38 -2.15 -11.86 -15.12
CA VAL C 38 -2.98 -10.72 -15.48
C VAL C 38 -2.27 -9.45 -15.05
N GLN C 39 -2.31 -8.43 -15.91
CA GLN C 39 -1.72 -7.12 -15.61
C GLN C 39 -2.83 -6.08 -15.74
N TYR C 40 -3.41 -5.69 -14.61
CA TYR C 40 -4.41 -4.64 -14.62
C TYR C 40 -3.77 -3.28 -14.86
N PRO C 41 -4.52 -2.33 -15.41
CA PRO C 41 -3.92 -1.02 -15.72
C PRO C 41 -3.38 -0.34 -14.47
N GLY C 42 -2.13 0.08 -14.54
CA GLY C 42 -1.47 0.74 -13.43
C GLY C 42 -0.97 -0.18 -12.35
N GLN C 43 -1.03 -1.49 -12.54
CA GLN C 43 -0.58 -2.45 -11.54
C GLN C 43 0.42 -3.42 -12.16
N HIS C 44 1.10 -4.15 -11.29
CA HIS C 44 2.14 -5.08 -11.73
C HIS C 44 1.54 -6.42 -12.12
N LEU C 45 2.37 -7.25 -12.73
CA LEU C 45 1.94 -8.59 -13.12
C LEU C 45 1.72 -9.46 -11.89
N GLN C 46 0.58 -10.15 -11.86
CA GLN C 46 0.25 -11.04 -10.76
C GLN C 46 -0.35 -12.33 -11.32
N LEU C 47 -0.08 -13.42 -10.63
CA LEU C 47 -0.53 -14.73 -11.07
C LEU C 47 -2.05 -14.84 -10.97
N LEU C 48 -2.69 -15.25 -12.06
CA LEU C 48 -4.13 -15.49 -12.06
C LEU C 48 -4.46 -16.92 -11.67
N LEU C 49 -3.82 -17.89 -12.32
CA LEU C 49 -3.97 -19.29 -11.96
C LEU C 49 -2.78 -20.06 -12.56
N LYS C 50 -2.65 -21.31 -12.14
CA LYS C 50 -1.55 -22.14 -12.62
C LYS C 50 -1.95 -23.60 -12.57
N TYR C 51 -1.39 -24.39 -13.48
CA TYR C 51 -1.50 -25.84 -13.42
C TYR C 51 -0.29 -26.37 -12.65
N PHE C 52 -0.54 -26.84 -11.43
CA PHE C 52 0.50 -27.52 -10.64
C PHE C 52 0.53 -29.01 -10.98
N SER C 53 -0.59 -29.70 -10.77
CA SER C 53 -0.74 -31.10 -11.11
C SER C 53 -2.20 -31.48 -10.93
N GLY C 54 -2.57 -32.65 -11.41
CA GLY C 54 -3.89 -33.20 -11.15
C GLY C 54 -4.93 -32.76 -12.19
N ASP C 55 -6.04 -32.22 -11.69
CA ASP C 55 -7.20 -31.87 -12.52
C ASP C 55 -6.80 -30.95 -13.66
N PRO C 56 -6.99 -31.36 -14.92
CA PRO C 56 -6.67 -30.46 -16.03
C PRO C 56 -7.49 -29.18 -16.05
N LEU C 57 -8.72 -29.23 -15.53
CA LEU C 57 -9.55 -28.04 -15.40
C LEU C 57 -9.15 -27.32 -14.11
N VAL C 58 -8.51 -26.16 -14.26
CA VAL C 58 -7.93 -25.42 -13.15
C VAL C 58 -8.79 -24.20 -12.87
N LYS C 59 -9.35 -24.14 -11.67
CA LYS C 59 -10.09 -22.95 -11.24
C LYS C 59 -9.12 -21.87 -10.78
N GLY C 60 -9.50 -20.62 -11.04
CA GLY C 60 -8.68 -19.49 -10.64
C GLY C 60 -9.45 -18.44 -9.89
N ILE C 61 -8.81 -17.29 -9.65
CA ILE C 61 -9.48 -16.18 -8.97
C ILE C 61 -10.48 -15.51 -9.91
N LYS C 62 -11.52 -14.92 -9.33
CA LYS C 62 -12.44 -14.06 -10.07
C LYS C 62 -13.18 -14.80 -11.18
N GLY C 63 -13.54 -16.06 -10.90
CA GLY C 63 -14.34 -16.83 -11.84
C GLY C 63 -13.61 -17.27 -13.09
N PHE C 64 -12.29 -17.22 -13.11
CA PHE C 64 -11.52 -17.68 -14.25
C PHE C 64 -11.27 -19.18 -14.16
N GLU C 65 -11.10 -19.80 -15.32
CA GLU C 65 -10.85 -21.24 -15.40
C GLU C 65 -10.06 -21.52 -16.67
N ALA C 66 -9.08 -22.41 -16.57
CA ALA C 66 -8.26 -22.79 -17.70
C ALA C 66 -8.29 -24.30 -17.84
N GLU C 67 -8.10 -24.77 -19.08
CA GLU C 67 -8.14 -26.19 -19.42
C GLU C 67 -6.81 -26.59 -20.00
N PHE C 68 -6.12 -27.50 -19.34
CA PHE C 68 -4.85 -28.04 -19.83
C PHE C 68 -5.14 -29.30 -20.65
N ILE C 69 -4.86 -29.24 -21.94
CA ILE C 69 -5.04 -30.37 -22.84
C ILE C 69 -3.66 -30.78 -23.34
N LYS C 70 -3.16 -31.91 -22.84
CA LYS C 70 -1.82 -32.36 -23.19
C LYS C 70 -1.72 -32.66 -24.68
N SER C 71 -2.77 -33.23 -25.27
CA SER C 71 -2.69 -33.66 -26.66
C SER C 71 -2.68 -32.49 -27.63
N LYS C 72 -3.37 -31.40 -27.30
CA LYS C 72 -3.43 -30.22 -28.15
C LYS C 72 -2.40 -29.17 -27.77
N PHE C 73 -1.64 -29.39 -26.69
CA PHE C 73 -0.66 -28.42 -26.20
C PHE C 73 -1.28 -27.04 -26.00
N SER C 74 -2.44 -27.03 -25.34
CA SER C 74 -3.20 -25.80 -25.14
C SER C 74 -3.50 -25.60 -23.68
N PHE C 75 -3.71 -24.34 -23.30
CA PHE C 75 -4.06 -23.96 -21.94
C PHE C 75 -5.02 -22.76 -22.02
N ASN C 76 -6.14 -22.96 -22.71
CA ASN C 76 -7.06 -21.86 -22.98
C ASN C 76 -7.70 -21.37 -21.69
N LEU C 77 -7.76 -20.05 -21.54
CA LEU C 77 -8.38 -19.39 -20.39
C LEU C 77 -9.81 -19.02 -20.74
N ARG C 78 -10.73 -19.26 -19.80
CA ARG C 78 -12.13 -18.97 -20.02
C ARG C 78 -12.74 -18.30 -18.80
N LYS C 79 -13.80 -17.52 -19.05
CA LYS C 79 -14.63 -16.96 -18.00
C LYS C 79 -16.03 -16.83 -18.60
N PRO C 80 -17.06 -17.36 -17.93
CA PRO C 80 -18.40 -17.39 -18.56
C PRO C 80 -19.04 -16.02 -18.71
N SER C 81 -18.82 -15.10 -17.77
CA SER C 81 -19.47 -13.79 -17.79
C SER C 81 -18.46 -12.74 -17.36
N VAL C 82 -17.90 -12.02 -18.34
CA VAL C 82 -16.85 -11.05 -18.03
C VAL C 82 -17.44 -9.84 -17.32
N GLN C 83 -16.59 -9.15 -16.57
CA GLN C 83 -16.93 -7.91 -15.91
C GLN C 83 -16.09 -6.78 -16.48
N TRP C 84 -16.52 -5.55 -16.22
CA TRP C 84 -15.73 -4.39 -16.63
C TRP C 84 -14.37 -4.39 -15.96
N SER C 85 -14.31 -4.86 -14.71
CA SER C 85 -13.05 -4.90 -13.97
C SER C 85 -12.07 -5.93 -14.52
N ASP C 86 -12.47 -6.72 -15.52
CA ASP C 86 -11.57 -7.69 -16.15
C ASP C 86 -10.74 -7.07 -17.27
N THR C 87 -10.98 -5.80 -17.61
CA THR C 87 -10.19 -5.12 -18.62
C THR C 87 -8.72 -5.03 -18.19
N ALA C 88 -7.86 -5.80 -18.83
CA ALA C 88 -6.45 -5.87 -18.46
C ALA C 88 -5.69 -6.60 -19.56
N GLU C 89 -4.41 -6.81 -19.33
CA GLU C 89 -3.57 -7.60 -20.21
C GLU C 89 -3.38 -8.99 -19.60
N TYR C 90 -3.49 -10.02 -20.43
CA TYR C 90 -3.44 -11.40 -19.98
C TYR C 90 -2.27 -12.11 -20.66
N PHE C 91 -1.43 -12.76 -19.85
CA PHE C 91 -0.22 -13.41 -20.33
C PHE C 91 -0.26 -14.90 -20.01
N CYS C 92 0.01 -15.72 -21.01
CA CYS C 92 0.19 -17.16 -20.83
C CYS C 92 1.68 -17.45 -20.66
N ALA C 93 1.99 -18.43 -19.81
CA ALA C 93 3.37 -18.77 -19.52
C ALA C 93 3.52 -20.28 -19.33
N VAL C 94 4.58 -20.85 -19.90
CA VAL C 94 4.83 -22.28 -19.87
C VAL C 94 6.30 -22.52 -19.52
N ASN C 95 6.55 -23.54 -18.71
CA ASN C 95 7.91 -23.92 -18.30
C ASN C 95 8.13 -25.38 -18.67
N ALA C 96 9.32 -25.67 -19.20
CA ALA C 96 9.59 -26.94 -19.88
C ALA C 96 10.35 -27.95 -19.04
N ARG C 97 10.59 -27.67 -17.75
CA ARG C 97 11.18 -28.63 -16.81
C ARG C 97 12.59 -29.07 -17.20
N ARG C 98 13.33 -28.29 -17.98
CA ARG C 98 14.70 -28.64 -18.33
C ARG C 98 15.66 -27.53 -17.95
N ASN C 99 15.46 -26.95 -16.77
CA ASN C 99 16.28 -25.86 -16.24
C ASN C 99 16.37 -24.70 -17.22
N THR C 100 15.23 -24.36 -17.83
CA THR C 100 15.10 -23.19 -18.68
C THR C 100 14.07 -22.24 -18.09
N PRO C 101 14.30 -20.93 -18.21
CA PRO C 101 13.38 -19.97 -17.57
C PRO C 101 11.98 -20.03 -18.16
N LEU C 102 11.01 -19.59 -17.36
CA LEU C 102 9.63 -19.52 -17.78
C LEU C 102 9.50 -18.65 -19.04
N VAL C 103 8.63 -19.08 -19.96
CA VAL C 103 8.46 -18.42 -21.24
C VAL C 103 7.05 -17.84 -21.31
N PHE C 104 6.96 -16.55 -21.61
CA PHE C 104 5.67 -15.85 -21.69
C PHE C 104 5.24 -15.70 -23.14
N GLY C 105 3.92 -15.71 -23.34
CA GLY C 105 3.36 -15.37 -24.63
C GLY C 105 3.38 -13.88 -24.87
N LYS C 106 2.97 -13.49 -26.08
CA LYS C 106 2.96 -12.08 -26.43
C LYS C 106 1.90 -11.28 -25.69
N GLY C 107 0.91 -11.95 -25.11
CA GLY C 107 -0.10 -11.27 -24.32
C GLY C 107 -1.33 -10.91 -25.15
N THR C 108 -2.45 -10.78 -24.45
CA THR C 108 -3.72 -10.43 -25.07
C THR C 108 -4.37 -9.31 -24.27
N ARG C 109 -4.66 -8.19 -24.93
CA ARG C 109 -5.31 -7.06 -24.31
C ARG C 109 -6.82 -7.26 -24.38
N LEU C 110 -7.49 -7.22 -23.23
CA LEU C 110 -8.93 -7.41 -23.14
C LEU C 110 -9.59 -6.07 -22.82
N SER C 111 -10.52 -5.66 -23.67
CA SER C 111 -11.31 -4.45 -23.46
C SER C 111 -12.76 -4.86 -23.26
N VAL C 112 -13.31 -4.53 -22.08
CA VAL C 112 -14.69 -4.86 -21.74
C VAL C 112 -15.49 -3.57 -21.82
N ILE C 113 -16.42 -3.50 -22.79
CA ILE C 113 -17.25 -2.32 -22.98
C ILE C 113 -18.16 -2.15 -21.76
N ALA C 114 -18.06 -1.00 -21.11
CA ALA C 114 -18.86 -0.75 -19.91
C ALA C 114 -20.34 -0.64 -20.26
N ASN C 115 -21.17 -1.25 -19.43
CA ASN C 115 -22.61 -1.21 -19.60
C ASN C 115 -23.17 -0.02 -18.83
N ILE C 116 -23.72 0.95 -19.55
CA ILE C 116 -24.35 2.12 -18.96
C ILE C 116 -25.86 1.85 -18.89
N GLN C 117 -26.40 1.81 -17.68
CA GLN C 117 -27.79 1.41 -17.50
C GLN C 117 -28.76 2.56 -17.79
N ASN C 118 -28.52 3.72 -17.19
CA ASN C 118 -29.39 4.89 -17.36
C ASN C 118 -28.57 6.07 -17.87
N PRO C 119 -28.37 6.16 -19.18
CA PRO C 119 -27.59 7.28 -19.72
C PRO C 119 -28.35 8.60 -19.58
N ASP C 120 -27.61 9.64 -19.18
CA ASP C 120 -28.19 10.97 -18.96
C ASP C 120 -27.15 12.02 -19.34
N PRO C 121 -26.85 12.14 -20.64
CA PRO C 121 -25.73 12.98 -21.06
C PRO C 121 -25.92 14.45 -20.70
N ALA C 122 -24.86 15.07 -20.22
CA ALA C 122 -24.90 16.46 -19.78
C ALA C 122 -23.49 17.03 -19.77
N VAL C 123 -23.43 18.36 -19.74
CA VAL C 123 -22.17 19.10 -19.67
C VAL C 123 -22.28 20.09 -18.52
N TYR C 124 -21.41 19.95 -17.53
CA TYR C 124 -21.41 20.79 -16.34
C TYR C 124 -20.12 21.59 -16.27
N GLN C 125 -20.20 22.74 -15.62
CA GLN C 125 -19.03 23.59 -15.37
C GLN C 125 -18.62 23.46 -13.91
N LEU C 126 -17.32 23.22 -13.69
CA LEU C 126 -16.77 23.04 -12.35
C LEU C 126 -15.70 24.10 -12.10
N ARG C 127 -15.76 24.71 -10.91
CA ARG C 127 -14.89 25.82 -10.58
C ARG C 127 -13.79 25.40 -9.61
N ASP C 128 -12.65 26.08 -9.70
CA ASP C 128 -11.48 25.75 -8.90
C ASP C 128 -11.78 25.92 -7.41
N SER C 129 -11.31 24.96 -6.61
CA SER C 129 -11.52 25.03 -5.17
C SER C 129 -10.67 26.11 -4.50
N LYS C 130 -9.57 26.53 -5.14
CA LYS C 130 -8.77 27.63 -4.62
C LYS C 130 -9.35 28.99 -4.97
N SER C 131 -10.51 29.04 -5.63
CA SER C 131 -11.18 30.28 -6.01
C SER C 131 -10.25 31.17 -6.83
N SER C 132 -9.83 30.63 -7.98
CA SER C 132 -8.96 31.34 -8.90
C SER C 132 -9.65 31.68 -10.22
N ASP C 133 -10.97 31.57 -10.26
CA ASP C 133 -11.79 31.87 -11.43
C ASP C 133 -11.57 30.87 -12.57
N LYS C 134 -10.64 29.94 -12.38
CA LYS C 134 -10.44 28.88 -13.36
C LYS C 134 -11.57 27.87 -13.29
N SER C 135 -11.84 27.21 -14.42
CA SER C 135 -12.92 26.24 -14.48
C SER C 135 -12.64 25.21 -15.55
N VAL C 136 -13.29 24.04 -15.41
CA VAL C 136 -13.24 22.97 -16.39
C VAL C 136 -14.66 22.58 -16.74
N CYS C 137 -14.81 21.95 -17.91
CA CYS C 137 -16.09 21.46 -18.39
C CYS C 137 -16.13 19.95 -18.31
N LEU C 138 -17.20 19.40 -17.76
CA LEU C 138 -17.33 17.96 -17.55
C LEU C 138 -18.49 17.44 -18.37
N PHE C 139 -18.17 16.69 -19.43
CA PHE C 139 -19.15 15.94 -20.20
C PHE C 139 -19.24 14.55 -19.60
N THR C 140 -20.40 14.18 -19.09
CA THR C 140 -20.53 12.95 -18.32
C THR C 140 -21.88 12.29 -18.57
N ASP C 141 -21.98 11.03 -18.15
CA ASP C 141 -23.21 10.24 -18.15
C ASP C 141 -23.73 9.96 -19.56
N PHE C 142 -22.83 9.82 -20.53
CA PHE C 142 -23.21 9.42 -21.88
C PHE C 142 -22.92 7.93 -22.08
N ASP C 143 -23.59 7.34 -23.06
CA ASP C 143 -23.48 5.92 -23.30
C ASP C 143 -22.13 5.56 -23.92
N SER C 144 -21.80 4.27 -23.89
CA SER C 144 -20.49 3.81 -24.34
C SER C 144 -20.32 3.87 -25.85
N GLN C 145 -21.41 4.00 -26.61
CA GLN C 145 -21.34 4.14 -28.06
C GLN C 145 -21.19 5.60 -28.49
N THR C 146 -20.82 6.49 -27.57
CA THR C 146 -20.59 7.89 -27.87
C THR C 146 -19.09 8.15 -27.98
N ASN C 147 -18.68 8.78 -29.07
CA ASN C 147 -17.28 9.08 -29.34
C ASN C 147 -16.98 10.51 -28.93
N VAL C 148 -15.98 10.68 -28.07
CA VAL C 148 -15.52 12.00 -27.65
C VAL C 148 -14.30 12.32 -28.50
N SER C 149 -14.47 13.18 -29.50
CA SER C 149 -13.39 13.51 -30.40
C SER C 149 -12.40 14.46 -29.73
N GLN C 150 -11.18 14.46 -30.25
CA GLN C 150 -10.12 15.29 -29.71
C GLN C 150 -10.42 16.77 -29.95
N SER C 151 -9.57 17.61 -29.36
CA SER C 151 -9.67 19.04 -29.58
C SER C 151 -9.28 19.39 -31.01
N LYS C 152 -9.94 20.41 -31.55
CA LYS C 152 -9.63 20.95 -32.87
C LYS C 152 -8.87 22.27 -32.79
N ASP C 153 -8.29 22.58 -31.64
CA ASP C 153 -7.59 23.85 -31.42
C ASP C 153 -6.62 23.65 -30.27
N SER C 154 -5.34 23.94 -30.52
CA SER C 154 -4.31 23.69 -29.51
C SER C 154 -4.49 24.53 -28.25
N ASP C 155 -5.31 25.58 -28.31
CA ASP C 155 -5.63 26.37 -27.13
C ASP C 155 -6.75 25.74 -26.29
N VAL C 156 -7.36 24.65 -26.78
CA VAL C 156 -8.40 23.93 -26.07
C VAL C 156 -7.93 22.50 -25.85
N TYR C 157 -8.18 21.97 -24.65
CA TYR C 157 -7.75 20.64 -24.28
C TYR C 157 -8.97 19.79 -23.94
N ILE C 158 -9.09 18.64 -24.58
CA ILE C 158 -10.19 17.70 -24.34
C ILE C 158 -9.61 16.33 -24.08
N THR C 159 -9.91 15.77 -22.91
CA THR C 159 -9.39 14.46 -22.55
C THR C 159 -10.24 13.36 -23.19
N ASP C 160 -9.66 12.16 -23.26
CA ASP C 160 -10.39 11.01 -23.73
C ASP C 160 -11.47 10.62 -22.71
N LYS C 161 -12.39 9.76 -23.15
CA LYS C 161 -13.45 9.32 -22.24
C LYS C 161 -12.89 8.43 -21.14
N CYS C 162 -13.64 8.32 -20.06
CA CYS C 162 -13.12 7.76 -18.81
C CYS C 162 -14.27 7.14 -18.04
N VAL C 163 -14.10 5.88 -17.63
CA VAL C 163 -15.14 5.11 -16.98
C VAL C 163 -14.79 4.96 -15.51
N LEU C 164 -15.62 5.53 -14.64
CA LEU C 164 -15.50 5.34 -13.20
C LEU C 164 -16.61 4.41 -12.72
N ASP C 165 -16.37 3.74 -11.60
CA ASP C 165 -17.32 2.78 -11.04
C ASP C 165 -17.58 3.13 -9.58
N MET C 166 -18.80 3.61 -9.30
CA MET C 166 -19.26 3.80 -7.93
C MET C 166 -19.80 2.45 -7.44
N ARG C 167 -18.89 1.63 -6.95
CA ARG C 167 -19.20 0.22 -6.67
C ARG C 167 -20.25 0.06 -5.58
N SER C 168 -20.40 1.05 -4.69
CA SER C 168 -21.43 0.96 -3.65
C SER C 168 -22.83 1.05 -4.24
N MET C 169 -23.01 1.83 -5.30
CA MET C 169 -24.30 1.99 -5.95
C MET C 169 -24.47 1.12 -7.18
N ASP C 170 -23.43 0.36 -7.55
CA ASP C 170 -23.43 -0.42 -8.79
C ASP C 170 -23.74 0.47 -9.99
N PHE C 171 -22.95 1.54 -10.10
CA PHE C 171 -23.19 2.60 -11.08
C PHE C 171 -21.89 2.92 -11.78
N LYS C 172 -21.87 2.81 -13.11
CA LYS C 172 -20.74 3.20 -13.92
C LYS C 172 -21.14 4.34 -14.85
N SER C 173 -20.21 5.26 -15.07
CA SER C 173 -20.49 6.44 -15.88
C SER C 173 -19.25 6.85 -16.65
N ASN C 174 -19.46 7.33 -17.86
CA ASN C 174 -18.39 7.90 -18.68
C ASN C 174 -18.24 9.39 -18.36
N SER C 175 -17.04 9.91 -18.64
CA SER C 175 -16.76 11.31 -18.40
C SER C 175 -15.56 11.76 -19.22
N ALA C 176 -15.62 12.99 -19.72
CA ALA C 176 -14.50 13.63 -20.40
C ALA C 176 -14.40 15.07 -19.91
N VAL C 177 -13.18 15.60 -19.88
CA VAL C 177 -12.91 16.91 -19.32
C VAL C 177 -12.35 17.81 -20.41
N ALA C 178 -12.79 19.08 -20.41
CA ALA C 178 -12.30 20.08 -21.34
C ALA C 178 -12.03 21.38 -20.58
N TRP C 179 -10.98 22.07 -20.97
CA TRP C 179 -10.65 23.37 -20.39
C TRP C 179 -9.83 24.15 -21.40
N SER C 180 -9.79 25.47 -21.21
CA SER C 180 -9.07 26.35 -22.11
C SER C 180 -8.86 27.70 -21.43
N ASN C 181 -7.73 28.33 -21.75
CA ASN C 181 -7.41 29.65 -21.24
C ASN C 181 -7.88 30.77 -22.16
N LYS C 182 -8.74 30.47 -23.13
CA LYS C 182 -9.23 31.48 -24.04
C LYS C 182 -10.36 32.29 -23.39
N SER C 183 -10.68 33.42 -24.02
CA SER C 183 -11.80 34.24 -23.58
C SER C 183 -13.12 33.81 -24.22
N ASP C 184 -13.06 33.33 -25.47
CA ASP C 184 -14.25 32.86 -26.17
C ASP C 184 -14.73 31.50 -25.70
N PHE C 185 -13.91 30.78 -24.94
CA PHE C 185 -14.24 29.41 -24.53
C PHE C 185 -15.43 29.40 -23.58
N ALA C 186 -16.25 28.35 -23.71
CA ALA C 186 -17.43 28.17 -22.88
C ALA C 186 -17.84 26.71 -22.92
N CYS C 187 -18.40 26.23 -21.81
CA CYS C 187 -18.77 24.82 -21.73
C CYS C 187 -19.93 24.47 -22.64
N ALA C 188 -20.69 25.46 -23.11
CA ALA C 188 -21.81 25.18 -24.00
C ALA C 188 -21.34 24.64 -25.34
N ASN C 189 -20.17 25.08 -25.82
CA ASN C 189 -19.63 24.65 -27.10
C ASN C 189 -18.27 23.98 -26.94
N ALA C 190 -18.03 23.34 -25.79
CA ALA C 190 -16.75 22.69 -25.56
C ALA C 190 -16.67 21.33 -26.24
N PHE C 191 -17.79 20.60 -26.28
CA PHE C 191 -17.82 19.26 -26.83
C PHE C 191 -18.68 19.17 -28.10
N ASN C 192 -18.87 20.28 -28.81
CA ASN C 192 -19.68 20.27 -30.01
C ASN C 192 -19.09 19.41 -31.12
N ASN C 193 -17.79 19.12 -31.06
CA ASN C 193 -17.18 18.27 -32.07
C ASN C 193 -17.70 16.84 -32.00
N SER C 194 -18.11 16.39 -30.82
CA SER C 194 -18.63 15.04 -30.64
C SER C 194 -20.06 14.92 -31.13
N THR C 200 -28.91 15.88 -24.73
CA THR C 200 -27.89 16.31 -23.79
C THR C 200 -28.40 17.45 -22.92
N PHE C 201 -28.12 17.39 -21.62
CA PHE C 201 -28.60 18.38 -20.67
C PHE C 201 -27.58 19.50 -20.51
N PHE C 202 -28.05 20.74 -20.69
CA PHE C 202 -27.22 21.93 -20.51
C PHE C 202 -27.86 22.86 -19.49
N PRO C 203 -27.27 23.04 -18.31
CA PRO C 203 -27.81 23.94 -17.29
C PRO C 203 -27.80 25.41 -17.72
N MET D 1 4.18 -19.72 2.76
CA MET D 1 4.08 -19.13 4.09
C MET D 1 5.01 -17.94 4.21
N ILE D 2 4.44 -16.78 4.52
CA ILE D 2 5.21 -15.54 4.59
C ILE D 2 5.90 -15.45 5.94
N GLN D 3 7.19 -15.13 5.92
CA GLN D 3 7.99 -14.92 7.12
C GLN D 3 8.60 -13.54 7.07
N ARG D 4 8.67 -12.88 8.22
CA ARG D 4 9.20 -11.52 8.33
C ARG D 4 10.20 -11.48 9.47
N THR D 5 11.41 -11.03 9.17
CA THR D 5 12.44 -10.85 10.19
C THR D 5 12.07 -9.67 11.09
N PRO D 6 12.23 -9.79 12.40
CA PRO D 6 11.89 -8.68 13.29
C PRO D 6 12.87 -7.51 13.16
N LYS D 7 12.32 -6.31 13.25
CA LYS D 7 13.11 -5.10 13.46
C LYS D 7 13.31 -4.90 14.95
N ILE D 8 14.51 -4.48 15.34
CA ILE D 8 14.89 -4.42 16.75
C ILE D 8 15.37 -3.02 17.09
N GLN D 9 14.84 -2.46 18.17
CA GLN D 9 15.30 -1.18 18.70
C GLN D 9 15.53 -1.32 20.20
N VAL D 10 16.71 -0.91 20.66
CA VAL D 10 17.07 -0.93 22.07
C VAL D 10 17.26 0.51 22.53
N TYR D 11 16.58 0.89 23.60
CA TYR D 11 16.54 2.29 24.04
C TYR D 11 16.00 2.34 25.45
N SER D 12 16.13 3.51 26.07
CA SER D 12 15.61 3.76 27.41
C SER D 12 14.35 4.62 27.33
N ARG D 13 13.52 4.50 28.37
CA ARG D 13 12.29 5.28 28.41
C ARG D 13 12.58 6.78 28.52
N HIS D 14 13.52 7.15 29.36
CA HIS D 14 13.95 8.53 29.54
C HIS D 14 15.39 8.69 29.08
N PRO D 15 15.82 9.91 28.80
CA PRO D 15 17.23 10.13 28.44
C PRO D 15 18.17 9.59 29.51
N ALA D 16 19.16 8.84 29.07
CA ALA D 16 20.04 8.13 29.99
C ALA D 16 20.86 9.10 30.83
N GLU D 17 20.88 8.88 32.14
CA GLU D 17 21.67 9.67 33.06
C GLU D 17 22.27 8.72 34.08
N ASN D 18 23.61 8.70 34.18
CA ASN D 18 24.29 7.74 35.02
C ASN D 18 23.86 7.89 36.48
N GLY D 19 23.58 6.75 37.12
CA GLY D 19 23.18 6.73 38.51
C GLY D 19 21.74 7.09 38.78
N LYS D 20 20.90 7.14 37.74
CA LYS D 20 19.50 7.49 37.89
C LYS D 20 18.63 6.37 37.36
N SER D 21 17.54 6.07 38.08
CA SER D 21 16.67 4.97 37.69
C SER D 21 15.99 5.26 36.36
N ASN D 22 15.83 4.23 35.55
CA ASN D 22 15.24 4.35 34.22
C ASN D 22 14.65 2.99 33.83
N PHE D 23 14.22 2.88 32.59
CA PHE D 23 13.69 1.63 32.05
C PHE D 23 14.40 1.32 30.74
N LEU D 24 14.92 0.09 30.62
CA LEU D 24 15.53 -0.37 29.39
C LEU D 24 14.48 -1.07 28.54
N ASN D 25 14.30 -0.58 27.31
CA ASN D 25 13.28 -1.10 26.40
C ASN D 25 13.94 -1.87 25.25
N CYS D 26 13.24 -2.88 24.77
CA CYS D 26 13.59 -3.57 23.54
C CYS D 26 12.32 -3.77 22.74
N TYR D 27 12.21 -3.09 21.61
CA TYR D 27 11.00 -3.07 20.79
C TYR D 27 11.27 -3.91 19.54
N VAL D 28 10.57 -5.04 19.42
CA VAL D 28 10.62 -5.88 18.23
C VAL D 28 9.32 -5.68 17.47
N SER D 29 9.41 -5.50 16.16
CA SER D 29 8.24 -5.20 15.35
C SER D 29 8.43 -5.76 13.95
N GLY D 30 7.33 -5.83 13.22
CA GLY D 30 7.37 -6.24 11.82
C GLY D 30 7.75 -7.68 11.59
N PHE D 31 7.50 -8.58 12.54
CA PHE D 31 7.89 -9.97 12.39
C PHE D 31 6.67 -10.87 12.26
N HIS D 32 6.91 -12.06 11.72
CA HIS D 32 5.90 -13.08 11.51
C HIS D 32 6.59 -14.42 11.28
N PRO D 33 6.17 -15.50 11.95
CA PRO D 33 5.05 -15.56 12.90
C PRO D 33 5.34 -14.95 14.26
N SER D 34 4.36 -15.06 15.18
CA SER D 34 4.44 -14.36 16.45
C SER D 34 5.43 -14.99 17.42
N ASP D 35 5.83 -16.24 17.20
CA ASP D 35 6.74 -16.92 18.11
C ASP D 35 8.11 -16.24 18.07
N ILE D 36 8.53 -15.68 19.21
CA ILE D 36 9.79 -14.96 19.29
C ILE D 36 10.31 -15.06 20.71
N GLU D 37 11.64 -15.03 20.85
CA GLU D 37 12.30 -15.05 22.15
C GLU D 37 13.13 -13.77 22.28
N VAL D 38 12.86 -12.99 23.32
CA VAL D 38 13.55 -11.72 23.56
C VAL D 38 14.08 -11.72 24.98
N ASP D 39 15.34 -11.33 25.14
CA ASP D 39 15.99 -11.25 26.44
C ASP D 39 16.75 -9.94 26.55
N LEU D 40 16.69 -9.33 27.73
CA LEU D 40 17.47 -8.13 28.02
C LEU D 40 18.73 -8.53 28.77
N LEU D 41 19.88 -8.07 28.29
CA LEU D 41 21.17 -8.50 28.78
C LEU D 41 21.88 -7.35 29.51
N LYS D 42 22.54 -7.69 30.60
CA LYS D 42 23.42 -6.77 31.33
C LYS D 42 24.79 -7.42 31.45
N ASN D 43 25.76 -6.89 30.71
CA ASN D 43 27.14 -7.40 30.71
C ASN D 43 27.18 -8.86 30.28
N GLY D 44 26.34 -9.23 29.33
CA GLY D 44 26.33 -10.57 28.76
C GLY D 44 25.36 -11.54 29.41
N GLU D 45 24.92 -11.28 30.64
CA GLU D 45 24.01 -12.16 31.34
C GLU D 45 22.59 -11.65 31.24
N ARG D 46 21.64 -12.58 31.35
CA ARG D 46 20.23 -12.26 31.19
C ARG D 46 19.66 -11.60 32.44
N ILE D 47 18.83 -10.59 32.23
CA ILE D 47 18.12 -9.94 33.33
C ILE D 47 16.88 -10.77 33.68
N GLU D 48 16.77 -11.12 34.96
CA GLU D 48 15.73 -12.03 35.45
C GLU D 48 14.32 -11.50 35.23
N LYS D 49 13.96 -10.43 35.94
CA LYS D 49 12.61 -9.89 35.92
C LYS D 49 12.47 -8.93 34.75
N VAL D 50 11.92 -9.43 33.65
CA VAL D 50 11.69 -8.63 32.44
C VAL D 50 10.24 -8.82 32.03
N GLU D 51 9.51 -7.72 31.90
CA GLU D 51 8.12 -7.73 31.47
C GLU D 51 8.01 -7.41 29.99
N HIS D 52 6.85 -7.74 29.41
CA HIS D 52 6.61 -7.48 28.00
C HIS D 52 5.14 -7.12 27.79
N SER D 53 4.89 -6.39 26.71
CA SER D 53 3.55 -5.98 26.36
C SER D 53 2.75 -7.15 25.80
N ASP D 54 1.46 -6.92 25.62
CA ASP D 54 0.57 -7.93 25.04
C ASP D 54 0.66 -7.90 23.52
N LEU D 55 0.67 -9.08 22.92
CA LEU D 55 0.89 -9.21 21.49
C LEU D 55 -0.16 -8.46 20.68
N SER D 56 0.31 -7.62 19.76
CA SER D 56 -0.56 -6.90 18.83
C SER D 56 0.11 -6.94 17.46
N PHE D 57 -0.58 -6.41 16.45
CA PHE D 57 -0.04 -6.46 15.10
C PHE D 57 -0.44 -5.21 14.34
N SER D 58 0.35 -4.90 13.31
CA SER D 58 0.16 -3.69 12.51
C SER D 58 -0.81 -3.96 11.37
N LYS D 59 -0.99 -2.95 10.50
CA LYS D 59 -1.93 -3.08 9.39
C LYS D 59 -1.51 -4.17 8.40
N ASP D 60 -0.20 -4.37 8.23
CA ASP D 60 0.27 -5.44 7.35
C ASP D 60 0.32 -6.80 8.05
N TRP D 61 -0.35 -6.93 9.20
CA TRP D 61 -0.48 -8.14 10.00
C TRP D 61 0.80 -8.56 10.70
N SER D 62 1.88 -7.81 10.57
CA SER D 62 3.10 -8.12 11.28
C SER D 62 2.98 -7.73 12.75
N PHE D 63 3.57 -8.54 13.62
CA PHE D 63 3.44 -8.37 15.06
C PHE D 63 4.46 -7.37 15.60
N TYR D 64 4.17 -6.87 16.81
CA TYR D 64 5.13 -6.03 17.53
C TYR D 64 4.97 -6.26 19.02
N LEU D 65 6.10 -6.23 19.73
CA LEU D 65 6.14 -6.45 21.17
C LEU D 65 7.13 -5.49 21.80
N LEU D 66 6.88 -5.11 23.05
CA LEU D 66 7.78 -4.26 23.81
C LEU D 66 8.22 -5.01 25.06
N TYR D 67 9.52 -5.28 25.16
CA TYR D 67 10.11 -5.85 26.36
C TYR D 67 10.83 -4.75 27.14
N TYR D 68 10.71 -4.79 28.45
CA TYR D 68 11.23 -3.70 29.27
C TYR D 68 11.52 -4.19 30.68
N THR D 69 12.43 -3.48 31.35
CA THR D 69 12.75 -3.73 32.75
C THR D 69 13.38 -2.47 33.32
N GLU D 70 13.23 -2.29 34.62
CA GLU D 70 13.87 -1.17 35.30
C GLU D 70 15.37 -1.41 35.40
N PHE D 71 16.15 -0.35 35.14
CA PHE D 71 17.59 -0.44 35.30
C PHE D 71 18.13 0.93 35.71
N THR D 72 19.41 0.95 36.06
CA THR D 72 20.10 2.19 36.44
C THR D 72 21.40 2.25 35.64
N PRO D 73 21.45 3.07 34.59
CA PRO D 73 22.65 3.09 33.75
C PRO D 73 23.86 3.63 34.50
N THR D 74 25.01 3.01 34.24
CA THR D 74 26.29 3.50 34.74
C THR D 74 27.24 3.72 33.58
N GLU D 75 28.51 3.98 33.88
CA GLU D 75 29.50 4.22 32.84
C GLU D 75 30.12 2.92 32.31
N LYS D 76 30.26 1.90 33.17
CA LYS D 76 30.92 0.67 32.78
C LYS D 76 29.96 -0.43 32.34
N ASP D 77 28.72 -0.39 32.80
CA ASP D 77 27.77 -1.45 32.45
C ASP D 77 27.36 -1.35 30.99
N GLU D 78 27.30 -2.49 30.33
CA GLU D 78 26.87 -2.59 28.93
C GLU D 78 25.57 -3.38 28.86
N TYR D 79 24.59 -2.84 28.14
CA TYR D 79 23.28 -3.47 28.02
C TYR D 79 23.01 -3.81 26.56
N ALA D 80 22.18 -4.83 26.35
CA ALA D 80 21.89 -5.31 25.00
C ALA D 80 20.57 -6.07 25.02
N CYS D 81 20.05 -6.35 23.82
CA CYS D 81 18.85 -7.14 23.63
C CYS D 81 19.18 -8.33 22.75
N ARG D 82 18.72 -9.51 23.17
CA ARG D 82 18.98 -10.76 22.47
C ARG D 82 17.66 -11.28 21.91
N VAL D 83 17.61 -11.47 20.59
CA VAL D 83 16.38 -11.81 19.89
C VAL D 83 16.60 -13.06 19.07
N ASN D 84 15.72 -14.04 19.22
CA ASN D 84 15.73 -15.25 18.41
C ASN D 84 14.38 -15.40 17.73
N HIS D 85 14.41 -15.71 16.44
CA HIS D 85 13.21 -15.84 15.64
C HIS D 85 13.46 -16.89 14.57
N VAL D 86 12.37 -17.44 14.03
CA VAL D 86 12.49 -18.50 13.03
C VAL D 86 13.16 -17.98 11.76
N THR D 87 13.15 -16.66 11.53
CA THR D 87 13.82 -16.08 10.38
C THR D 87 15.32 -15.86 10.60
N LEU D 88 15.82 -16.05 11.82
CA LEU D 88 17.22 -15.83 12.13
C LEU D 88 17.92 -17.18 12.28
N SER D 89 19.02 -17.35 11.53
CA SER D 89 19.84 -18.55 11.67
C SER D 89 20.63 -18.57 12.97
N GLN D 90 20.67 -17.44 13.68
CA GLN D 90 21.44 -17.28 14.91
C GLN D 90 20.80 -16.13 15.67
N PRO D 91 20.70 -16.20 17.00
CA PRO D 91 20.12 -15.09 17.76
C PRO D 91 20.92 -13.80 17.53
N LYS D 92 20.21 -12.69 17.47
CA LYS D 92 20.79 -11.40 17.15
C LYS D 92 20.99 -10.58 18.42
N ILE D 93 22.19 -10.04 18.60
CA ILE D 93 22.55 -9.22 19.74
C ILE D 93 22.63 -7.78 19.28
N VAL D 94 21.84 -6.91 19.91
CA VAL D 94 21.84 -5.48 19.61
C VAL D 94 22.19 -4.75 20.91
N LYS D 95 23.35 -4.10 20.93
CA LYS D 95 23.80 -3.39 22.12
C LYS D 95 23.05 -2.06 22.25
N TRP D 96 22.88 -1.63 23.50
CA TRP D 96 22.18 -0.39 23.80
C TRP D 96 23.10 0.80 23.53
N ASP D 97 22.74 1.60 22.55
CA ASP D 97 23.42 2.87 22.28
C ASP D 97 22.61 3.99 22.91
N ARG D 98 23.29 4.86 23.67
CA ARG D 98 22.60 5.92 24.41
C ARG D 98 21.96 6.95 23.49
N ASP D 99 22.46 7.12 22.27
CA ASP D 99 21.94 8.12 21.34
C ASP D 99 21.20 7.48 20.17
N MET D 100 20.60 6.31 20.38
CA MET D 100 19.80 5.66 19.36
C MET D 100 18.58 4.98 19.97
N ILE E 1 -16.64 -1.96 24.30
CA ILE E 1 -16.79 -3.40 24.31
C ILE E 1 -16.56 -3.97 22.92
N MET E 2 -16.27 -5.27 22.85
CA MET E 2 -16.03 -5.94 21.59
C MET E 2 -17.34 -6.46 21.02
N ASP E 3 -17.28 -7.01 19.80
CA ASP E 3 -18.45 -7.59 19.17
C ASP E 3 -18.75 -8.96 19.75
N GLN E 4 -19.89 -9.52 19.36
CA GLN E 4 -20.29 -10.84 19.83
C GLN E 4 -19.56 -11.92 19.02
N VAL E 5 -19.86 -13.17 19.32
CA VAL E 5 -19.19 -14.33 18.72
C VAL E 5 -19.28 -14.26 17.20
N PRO E 6 -18.19 -14.44 16.47
CA PRO E 6 -18.23 -14.36 15.02
C PRO E 6 -18.54 -15.70 14.35
N PHE E 7 -19.07 -15.60 13.13
CA PHE E 7 -19.34 -16.76 12.30
C PHE E 7 -18.04 -17.40 11.83
N SER E 8 -17.98 -18.73 11.88
CA SER E 8 -16.79 -19.44 11.45
C SER E 8 -16.58 -19.31 9.94
N VAL E 9 -15.31 -19.31 9.54
CA VAL E 9 -14.94 -19.16 8.13
C VAL E 9 -15.38 -20.38 7.32
#